data_4XBI
#
_entry.id   4XBI
#
_cell.length_a   127.530
_cell.length_b   127.530
_cell.length_c   92.570
_cell.angle_alpha   90.00
_cell.angle_beta   90.00
_cell.angle_gamma   120.00
#
_symmetry.space_group_name_H-M   'P 65'
#
loop_
_entity.id
_entity.type
_entity.pdbx_description
1 polymer 'ClpB protein, putative,Green fluorescent protein'
2 non-polymer 'SULFATE ION'
3 water water
#
_entity_poly.entity_id   1
_entity_poly.type   'polypeptide(L)'
_entity_poly.pdbx_seq_one_letter_code
;MGNSDDYTEKAWEAISSLNKIGEKYDSAYVEAEMLLLALLNDSPDGLAERILKESGIDTQLLVQEIDDYLKKQPKMPSGF
GEQKILGRTLQTVLSTSKRLKKEFNDEYISIEHLLLSIISEDSKFTRPWLLKYNVNYEKVKKAVEKIRGGSKGEELFTGV
VPILVELDGDVNGHKFSVRGEGEGDATNGKLTLKFICTTGKLPVPWPTLVTTL(CRO)VQCFSRYPDHMKRHDFFKSAMP
EGYVQERTISFKDDGTYKTRAEVKFEGDTLVNRIELKGIDFKEDGNILGHKLEYNFNSHNVYITADKQKNGIKANFKIRH
NVEDGSVQLADHYQQNTPIGDGPVLLPDNHYLSTQSVLSKDPNEKRDHMVLLEFVTAAGITLVPR
;
_entity_poly.pdbx_strand_id   A,B
#
# COMPACT_ATOMS: atom_id res chain seq x y z
N ASP A 5 -44.09 22.23 -21.77
CA ASP A 5 -43.21 21.06 -21.64
C ASP A 5 -41.80 21.36 -22.15
N ASP A 6 -41.22 22.43 -21.64
CA ASP A 6 -39.83 22.77 -21.91
C ASP A 6 -39.04 22.80 -20.59
N TYR A 7 -39.24 21.75 -19.80
CA TYR A 7 -38.48 21.54 -18.57
C TYR A 7 -37.52 20.39 -18.77
N THR A 8 -36.72 20.10 -17.76
CA THR A 8 -35.93 18.87 -17.77
C THR A 8 -36.93 17.71 -17.68
N GLU A 9 -36.49 16.51 -18.03
CA GLU A 9 -37.36 15.35 -18.02
C GLU A 9 -37.88 15.07 -16.61
N LYS A 10 -36.98 15.14 -15.64
CA LYS A 10 -37.33 14.90 -14.24
C LYS A 10 -38.22 16.02 -13.68
N ALA A 11 -37.97 17.25 -14.13
CA ALA A 11 -38.73 18.40 -13.64
C ALA A 11 -40.20 18.35 -14.07
N TRP A 12 -40.43 18.02 -15.34
CA TRP A 12 -41.78 17.99 -15.88
C TRP A 12 -42.56 16.81 -15.30
N GLU A 13 -41.86 15.76 -14.91
CA GLU A 13 -42.50 14.63 -14.24
C GLU A 13 -43.04 15.04 -12.87
N ALA A 14 -42.29 15.91 -12.19
CA ALA A 14 -42.73 16.44 -10.91
C ALA A 14 -43.96 17.31 -11.13
N ILE A 15 -43.89 18.22 -12.10
CA ILE A 15 -45.00 19.09 -12.43
C ILE A 15 -46.24 18.28 -12.81
N SER A 16 -46.04 17.22 -13.59
CA SER A 16 -47.14 16.39 -14.05
C SER A 16 -47.85 15.65 -12.91
N SER A 17 -47.18 15.56 -11.76
CA SER A 17 -47.73 14.84 -10.61
C SER A 17 -48.69 15.69 -9.80
N LEU A 18 -48.71 16.99 -10.05
CA LEU A 18 -49.40 17.94 -9.19
C LEU A 18 -50.91 17.66 -9.06
N ASN A 19 -51.61 17.50 -10.18
CA ASN A 19 -53.03 17.17 -10.14
C ASN A 19 -53.29 15.97 -9.23
N LYS A 20 -52.51 14.91 -9.41
CA LYS A 20 -52.67 13.71 -8.61
C LYS A 20 -52.49 14.03 -7.14
N ILE A 21 -51.42 14.76 -6.81
CA ILE A 21 -51.18 15.17 -5.41
C ILE A 21 -52.31 16.05 -4.90
N GLY A 22 -52.80 16.95 -5.75
CA GLY A 22 -53.94 17.77 -5.40
C GLY A 22 -55.18 16.93 -5.13
N GLU A 23 -55.38 15.90 -5.94
CA GLU A 23 -56.53 15.00 -5.76
C GLU A 23 -56.38 14.17 -4.49
N LYS A 24 -55.14 13.80 -4.16
CA LYS A 24 -54.87 13.03 -2.95
C LYS A 24 -55.30 13.79 -1.70
N TYR A 25 -55.05 15.10 -1.68
CA TYR A 25 -55.37 15.92 -0.52
C TYR A 25 -56.71 16.65 -0.69
N ASP A 26 -57.50 16.19 -1.65
CA ASP A 26 -58.80 16.77 -1.95
C ASP A 26 -58.70 18.29 -2.09
N SER A 27 -57.72 18.75 -2.87
CA SER A 27 -57.47 20.18 -3.00
C SER A 27 -57.98 20.74 -4.33
N ALA A 28 -58.58 21.92 -4.28
CA ALA A 28 -58.99 22.62 -5.48
C ALA A 28 -57.79 23.23 -6.19
N TYR A 29 -56.85 23.72 -5.38
CA TYR A 29 -55.62 24.36 -5.85
C TYR A 29 -54.39 23.45 -5.76
N VAL A 30 -53.43 23.67 -6.65
CA VAL A 30 -52.10 23.09 -6.45
C VAL A 30 -51.13 24.22 -6.13
N GLU A 31 -50.28 23.98 -5.12
CA GLU A 31 -49.39 25.03 -4.63
C GLU A 31 -47.93 24.59 -4.53
N ALA A 32 -47.08 25.52 -4.13
CA ALA A 32 -45.63 25.37 -4.14
C ALA A 32 -45.18 24.16 -3.33
N GLU A 33 -45.77 23.97 -2.15
CA GLU A 33 -45.36 22.88 -1.26
C GLU A 33 -45.76 21.50 -1.79
N MET A 34 -46.77 21.47 -2.65
CA MET A 34 -47.09 20.22 -3.35
C MET A 34 -46.00 19.90 -4.36
N LEU A 35 -45.48 20.92 -5.04
CA LEU A 35 -44.36 20.71 -5.95
C LEU A 35 -43.15 20.20 -5.18
N LEU A 36 -42.91 20.79 -4.02
CA LEU A 36 -41.82 20.33 -3.14
C LEU A 36 -42.00 18.85 -2.82
N LEU A 37 -43.19 18.48 -2.39
CA LEU A 37 -43.52 17.08 -2.12
C LEU A 37 -43.20 16.19 -3.31
N ALA A 38 -43.58 16.65 -4.51
CA ALA A 38 -43.35 15.89 -5.74
C ALA A 38 -41.86 15.76 -6.04
N LEU A 39 -41.11 16.83 -5.82
CA LEU A 39 -39.65 16.80 -6.01
C LEU A 39 -38.96 15.82 -5.07
N LEU A 40 -39.47 15.71 -3.85
CA LEU A 40 -38.86 14.83 -2.87
C LEU A 40 -39.37 13.40 -3.05
N ASN A 41 -40.34 13.24 -3.95
CA ASN A 41 -40.91 11.93 -4.20
C ASN A 41 -40.33 11.28 -5.44
N ASP A 42 -39.04 11.54 -5.69
CA ASP A 42 -38.34 10.81 -6.74
C ASP A 42 -37.99 9.42 -6.22
N SER A 43 -37.31 9.41 -5.06
CA SER A 43 -37.01 8.25 -4.18
C SER A 43 -35.56 7.76 -4.26
N PRO A 44 -35.12 7.18 -5.40
CA PRO A 44 -33.81 6.54 -5.32
C PRO A 44 -32.68 7.55 -5.24
N ASP A 45 -32.50 8.14 -4.06
CA ASP A 45 -31.50 9.16 -3.84
C ASP A 45 -31.69 10.31 -4.83
N GLY A 46 -32.93 10.82 -4.90
CA GLY A 46 -33.29 11.88 -5.83
C GLY A 46 -32.55 13.19 -5.61
N LEU A 47 -32.49 14.01 -6.66
CA LEU A 47 -31.70 15.24 -6.65
C LEU A 47 -32.18 16.24 -5.60
N ALA A 48 -33.49 16.51 -5.57
CA ALA A 48 -34.05 17.44 -4.60
C ALA A 48 -33.72 16.99 -3.17
N GLU A 49 -33.91 15.70 -2.92
CA GLU A 49 -33.61 15.12 -1.62
C GLU A 49 -32.14 15.26 -1.26
N ARG A 50 -31.26 15.08 -2.25
CA ARG A 50 -29.82 15.16 -2.01
C ARG A 50 -29.39 16.59 -1.70
N ILE A 51 -29.91 17.53 -2.47
CA ILE A 51 -29.61 18.95 -2.27
C ILE A 51 -29.95 19.39 -0.86
N LEU A 52 -31.13 18.98 -0.39
CA LEU A 52 -31.61 19.43 0.92
C LEU A 52 -30.87 18.75 2.09
N LYS A 53 -30.60 17.45 1.99
CA LYS A 53 -29.85 16.84 3.08
C LYS A 53 -28.39 17.32 3.05
N GLU A 54 -27.90 17.75 1.89
CA GLU A 54 -26.59 18.40 1.81
C GLU A 54 -26.62 19.78 2.46
N SER A 55 -27.83 20.32 2.63
CA SER A 55 -28.04 21.62 3.29
C SER A 55 -28.30 21.45 4.79
N GLY A 56 -28.44 20.20 5.22
CA GLY A 56 -28.63 19.90 6.62
C GLY A 56 -30.06 19.62 7.01
N ILE A 57 -30.90 19.37 6.01
CA ILE A 57 -32.34 19.16 6.23
C ILE A 57 -32.70 17.69 6.42
N ASP A 58 -33.47 17.41 7.47
CA ASP A 58 -34.07 16.09 7.65
C ASP A 58 -35.24 15.97 6.67
N THR A 59 -34.98 15.40 5.50
CA THR A 59 -35.97 15.34 4.43
C THR A 59 -37.13 14.37 4.73
N GLN A 60 -36.90 13.43 5.64
CA GLN A 60 -37.97 12.54 6.10
C GLN A 60 -38.96 13.35 6.94
N LEU A 61 -38.41 14.25 7.76
CA LEU A 61 -39.21 15.14 8.58
C LEU A 61 -40.01 16.08 7.69
N LEU A 62 -39.31 16.70 6.75
CA LEU A 62 -39.92 17.65 5.82
C LEU A 62 -41.16 17.05 5.16
N VAL A 63 -41.00 15.87 4.57
CA VAL A 63 -42.12 15.17 3.93
C VAL A 63 -43.30 14.94 4.88
N GLN A 64 -43.00 14.46 6.08
CA GLN A 64 -44.05 14.18 7.07
C GLN A 64 -44.81 15.46 7.40
N GLU A 65 -44.08 16.58 7.50
CA GLU A 65 -44.69 17.84 7.91
C GLU A 65 -45.39 18.57 6.78
N ILE A 66 -44.99 18.28 5.55
CA ILE A 66 -45.73 18.75 4.38
C ILE A 66 -47.11 18.09 4.36
N ASP A 67 -47.11 16.79 4.62
CA ASP A 67 -48.33 16.01 4.68
C ASP A 67 -49.27 16.57 5.74
N ASP A 68 -48.74 16.77 6.94
CA ASP A 68 -49.49 17.39 8.03
C ASP A 68 -50.10 18.70 7.59
N TYR A 69 -49.26 19.62 7.13
CA TYR A 69 -49.67 20.95 6.70
C TYR A 69 -50.81 20.86 5.69
N LEU A 70 -50.65 19.98 4.70
CA LEU A 70 -51.63 19.87 3.63
C LEU A 70 -52.96 19.34 4.13
N LYS A 71 -52.93 18.45 5.10
CA LYS A 71 -54.16 17.89 5.65
C LYS A 71 -54.92 18.91 6.50
N LYS A 72 -54.23 19.92 6.99
CA LYS A 72 -54.87 20.94 7.81
C LYS A 72 -55.42 22.13 7.00
N GLN A 73 -55.12 22.19 5.72
CA GLN A 73 -55.57 23.31 4.87
C GLN A 73 -57.10 23.35 4.73
N PRO A 74 -57.66 24.56 4.51
CA PRO A 74 -59.12 24.66 4.36
C PRO A 74 -59.64 23.87 3.17
N LYS A 75 -60.76 23.20 3.37
CA LYS A 75 -61.37 22.40 2.31
C LYS A 75 -62.05 23.32 1.30
N MET A 76 -61.83 23.01 0.02
CA MET A 76 -62.52 23.71 -1.05
C MET A 76 -63.06 22.69 -2.03
N PRO A 77 -64.28 22.93 -2.55
CA PRO A 77 -64.80 22.10 -3.63
C PRO A 77 -63.91 22.23 -4.85
N SER A 78 -63.57 21.12 -5.51
CA SER A 78 -62.75 21.19 -6.70
C SER A 78 -63.56 21.64 -7.91
N GLY A 79 -62.86 22.19 -8.90
CA GLY A 79 -63.50 22.63 -10.12
C GLY A 79 -63.91 21.46 -11.01
N PHE A 80 -64.80 21.73 -11.95
CA PHE A 80 -65.26 20.71 -12.89
C PHE A 80 -64.12 20.23 -13.81
N GLY A 81 -63.13 21.09 -14.01
CA GLY A 81 -62.04 20.77 -14.92
C GLY A 81 -61.00 19.83 -14.35
N GLU A 82 -60.50 18.93 -15.19
CA GLU A 82 -59.49 17.95 -14.76
C GLU A 82 -58.26 18.62 -14.17
N GLN A 83 -57.87 19.75 -14.75
CA GLN A 83 -56.71 20.51 -14.29
C GLN A 83 -57.00 21.33 -13.01
N LYS A 84 -56.27 21.04 -11.93
CA LYS A 84 -56.34 21.84 -10.71
C LYS A 84 -55.92 23.30 -10.95
N ILE A 85 -56.35 24.20 -10.09
CA ILE A 85 -56.05 25.61 -10.28
C ILE A 85 -54.69 25.96 -9.67
N LEU A 86 -53.86 26.67 -10.44
CA LEU A 86 -52.56 27.07 -9.94
C LEU A 86 -52.69 28.12 -8.84
N GLY A 87 -52.11 27.85 -7.67
CA GLY A 87 -52.11 28.79 -6.58
C GLY A 87 -51.19 29.97 -6.85
N ARG A 88 -51.37 31.07 -6.11
CA ARG A 88 -50.59 32.30 -6.32
C ARG A 88 -49.08 32.07 -6.14
N THR A 89 -48.71 31.28 -5.14
CA THR A 89 -47.30 31.11 -4.85
C THR A 89 -46.66 30.25 -5.94
N LEU A 90 -47.29 29.12 -6.27
CA LEU A 90 -46.79 28.26 -7.34
C LEU A 90 -46.65 29.05 -8.65
N GLN A 91 -47.60 29.95 -8.93
CA GLN A 91 -47.50 30.79 -10.12
C GLN A 91 -46.21 31.61 -10.08
N THR A 92 -45.92 32.21 -8.92
CA THR A 92 -44.70 32.99 -8.78
C THR A 92 -43.48 32.06 -8.83
N VAL A 93 -43.60 30.87 -8.27
CA VAL A 93 -42.50 29.90 -8.32
C VAL A 93 -42.11 29.54 -9.76
N LEU A 94 -43.10 29.26 -10.60
CA LEU A 94 -42.85 28.92 -12.01
C LEU A 94 -42.27 30.09 -12.81
N SER A 95 -42.73 31.31 -12.51
CA SER A 95 -42.22 32.51 -13.20
C SER A 95 -40.74 32.73 -12.85
N THR A 96 -40.44 32.70 -11.56
CA THR A 96 -39.08 32.93 -11.10
C THR A 96 -38.13 31.80 -11.49
N SER A 97 -38.66 30.62 -11.81
CA SER A 97 -37.80 29.52 -12.22
C SER A 97 -37.31 29.73 -13.66
N LYS A 98 -38.02 30.56 -14.40
CA LYS A 98 -37.60 30.95 -15.75
C LYS A 98 -36.44 31.95 -15.64
N ARG A 99 -36.52 32.82 -14.64
CA ARG A 99 -35.44 33.75 -14.35
C ARG A 99 -34.19 32.98 -13.94
N LEU A 100 -34.37 32.00 -13.07
CA LEU A 100 -33.25 31.23 -12.54
C LEU A 100 -32.57 30.41 -13.62
N LYS A 101 -33.36 29.85 -14.54
CA LYS A 101 -32.80 29.07 -15.64
C LYS A 101 -31.90 29.92 -16.51
N LYS A 102 -32.37 31.13 -16.81
CA LYS A 102 -31.63 32.07 -17.64
C LYS A 102 -30.38 32.56 -16.92
N GLU A 103 -30.45 32.61 -15.59
CA GLU A 103 -29.31 33.04 -14.76
C GLU A 103 -28.26 31.95 -14.60
N PHE A 104 -28.63 30.72 -14.94
CA PHE A 104 -27.69 29.62 -14.97
C PHE A 104 -27.27 29.31 -16.41
N ASN A 105 -27.84 30.05 -17.35
CA ASN A 105 -27.64 29.83 -18.78
C ASN A 105 -27.95 28.40 -19.20
N ASP A 106 -29.01 27.84 -18.63
CA ASP A 106 -29.43 26.47 -18.93
C ASP A 106 -30.46 26.41 -20.05
N GLU A 107 -30.54 25.25 -20.70
CA GLU A 107 -31.51 25.04 -21.77
C GLU A 107 -32.93 25.04 -21.24
N TYR A 108 -33.23 24.08 -20.38
CA TYR A 108 -34.58 23.93 -19.83
C TYR A 108 -34.61 24.09 -18.32
N ILE A 109 -35.77 24.44 -17.77
CA ILE A 109 -35.92 24.55 -16.32
C ILE A 109 -35.90 23.18 -15.66
N SER A 110 -35.04 23.03 -14.66
CA SER A 110 -34.84 21.74 -14.02
C SER A 110 -35.30 21.73 -12.58
N ILE A 111 -35.06 20.60 -11.92
CA ILE A 111 -35.38 20.42 -10.51
C ILE A 111 -34.69 21.45 -9.63
N GLU A 112 -33.42 21.73 -9.93
CA GLU A 112 -32.65 22.71 -9.19
C GLU A 112 -33.29 24.10 -9.24
N HIS A 113 -33.71 24.49 -10.43
CA HIS A 113 -34.37 25.79 -10.63
C HIS A 113 -35.70 25.87 -9.90
N LEU A 114 -36.48 24.79 -9.95
CA LEU A 114 -37.76 24.76 -9.26
C LEU A 114 -37.57 24.77 -7.76
N LEU A 115 -36.61 23.99 -7.27
CA LEU A 115 -36.36 23.91 -5.83
C LEU A 115 -35.91 25.25 -5.28
N LEU A 116 -35.02 25.93 -5.99
CA LEU A 116 -34.54 27.23 -5.54
C LEU A 116 -35.66 28.27 -5.58
N SER A 117 -36.55 28.17 -6.56
CA SER A 117 -37.65 29.13 -6.68
C SER A 117 -38.65 28.93 -5.54
N ILE A 118 -38.92 27.67 -5.20
CA ILE A 118 -39.82 27.37 -4.08
C ILE A 118 -39.28 27.97 -2.79
N ILE A 119 -38.00 27.73 -2.52
CA ILE A 119 -37.35 28.29 -1.33
C ILE A 119 -37.37 29.82 -1.36
N SER A 120 -37.17 30.38 -2.55
CA SER A 120 -37.16 31.83 -2.73
C SER A 120 -38.55 32.46 -2.54
N GLU A 121 -39.58 31.82 -3.08
CA GLU A 121 -40.90 32.45 -3.16
C GLU A 121 -41.95 31.96 -2.15
N ASP A 122 -41.82 30.72 -1.67
CA ASP A 122 -42.87 30.19 -0.78
C ASP A 122 -42.70 30.70 0.64
N SER A 123 -43.29 31.86 0.92
CA SER A 123 -43.26 32.44 2.26
C SER A 123 -44.30 31.80 3.17
N LYS A 124 -45.23 31.07 2.55
CA LYS A 124 -46.30 30.40 3.29
C LYS A 124 -45.78 29.21 4.09
N PHE A 125 -45.11 28.28 3.41
CA PHE A 125 -44.66 27.06 4.06
C PHE A 125 -43.14 26.88 4.09
N THR A 126 -42.55 26.75 2.90
CA THR A 126 -41.18 26.25 2.76
C THR A 126 -40.14 27.17 3.40
N ARG A 127 -40.19 28.45 3.07
CA ARG A 127 -39.20 29.39 3.58
C ARG A 127 -39.22 29.45 5.13
N PRO A 128 -40.42 29.59 5.75
CA PRO A 128 -40.35 29.59 7.21
C PRO A 128 -39.96 28.25 7.82
N TRP A 129 -40.24 27.17 7.15
CA TRP A 129 -39.87 25.88 7.68
C TRP A 129 -38.34 25.72 7.73
N LEU A 130 -37.68 26.11 6.67
CA LEU A 130 -36.24 26.02 6.62
C LEU A 130 -35.62 26.94 7.65
N LEU A 131 -36.18 28.12 7.81
CA LEU A 131 -35.71 29.02 8.84
C LEU A 131 -35.75 28.42 10.21
N LYS A 132 -36.68 27.51 10.47
CA LYS A 132 -36.80 26.94 11.78
C LYS A 132 -35.59 26.06 12.07
N TYR A 133 -35.15 25.36 11.04
CA TYR A 133 -34.04 24.44 11.12
C TYR A 133 -32.83 25.11 10.51
N ASN A 134 -32.78 26.42 10.63
CA ASN A 134 -31.62 27.24 10.31
C ASN A 134 -30.97 26.93 8.95
N VAL A 135 -31.78 27.03 7.90
CA VAL A 135 -31.30 26.89 6.52
C VAL A 135 -31.93 27.97 5.65
N ASN A 136 -31.11 28.71 4.91
CA ASN A 136 -31.65 29.76 4.05
C ASN A 136 -31.38 29.52 2.56
N TYR A 137 -31.87 30.43 1.73
CA TYR A 137 -31.73 30.33 0.28
C TYR A 137 -30.27 30.13 -0.15
N GLU A 138 -29.37 30.94 0.40
CA GLU A 138 -27.98 30.92 -0.04
C GLU A 138 -27.26 29.63 0.37
N LYS A 139 -27.64 29.05 1.50
CA LYS A 139 -27.06 27.77 1.88
C LYS A 139 -27.48 26.68 0.87
N VAL A 140 -28.74 26.73 0.41
CA VAL A 140 -29.21 25.71 -0.54
C VAL A 140 -28.60 25.92 -1.93
N LYS A 141 -28.47 27.19 -2.33
CA LYS A 141 -27.90 27.55 -3.62
C LYS A 141 -26.46 27.05 -3.75
N LYS A 142 -25.72 27.08 -2.65
CA LYS A 142 -24.35 26.59 -2.66
C LYS A 142 -24.34 25.07 -2.76
N ALA A 143 -25.32 24.42 -2.15
CA ALA A 143 -25.44 22.97 -2.27
C ALA A 143 -25.74 22.59 -3.72
N VAL A 144 -26.60 23.37 -4.36
CA VAL A 144 -26.93 23.16 -5.78
C VAL A 144 -25.71 23.33 -6.69
N GLU A 145 -24.96 24.41 -6.48
CA GLU A 145 -23.77 24.66 -7.28
C GLU A 145 -22.69 23.60 -7.05
N LYS A 146 -22.62 23.09 -5.82
CA LYS A 146 -21.68 22.02 -5.50
C LYS A 146 -22.00 20.75 -6.29
N ILE A 147 -23.27 20.34 -6.27
CA ILE A 147 -23.72 19.17 -7.01
C ILE A 147 -23.67 19.41 -8.53
N ARG A 148 -23.91 20.65 -8.95
CA ARG A 148 -23.75 21.06 -10.34
C ARG A 148 -22.33 20.79 -10.85
N GLY A 149 -21.35 21.01 -9.99
CA GLY A 149 -19.96 20.83 -10.34
C GLY A 149 -19.47 19.38 -10.31
N GLY A 150 -20.32 18.48 -9.81
CA GLY A 150 -20.00 17.06 -9.79
C GLY A 150 -21.24 16.23 -10.12
N SER A 151 -21.61 15.35 -9.19
CA SER A 151 -22.82 14.53 -9.32
C SER A 151 -23.41 14.29 -7.94
N LYS A 152 -24.67 13.83 -7.89
CA LYS A 152 -25.29 13.43 -6.63
C LYS A 152 -24.55 12.25 -6.02
N GLY A 153 -24.12 11.33 -6.87
CA GLY A 153 -23.52 10.09 -6.43
C GLY A 153 -22.20 10.29 -5.69
N GLU A 154 -21.51 11.36 -6.06
CA GLU A 154 -20.25 11.76 -5.41
C GLU A 154 -20.40 11.90 -3.90
N GLU A 155 -21.57 12.37 -3.47
CA GLU A 155 -21.82 12.57 -2.05
C GLU A 155 -21.73 11.27 -1.25
N LEU A 156 -21.90 10.13 -1.92
CA LEU A 156 -21.86 8.83 -1.26
C LEU A 156 -20.46 8.40 -0.83
N PHE A 157 -19.45 9.12 -1.31
CA PHE A 157 -18.06 8.72 -1.09
C PHE A 157 -17.25 9.70 -0.23
N THR A 158 -17.93 10.66 0.40
CA THR A 158 -17.22 11.73 1.11
C THR A 158 -16.52 11.24 2.38
N GLY A 159 -17.01 10.15 2.96
CA GLY A 159 -16.36 9.55 4.11
C GLY A 159 -15.72 8.19 3.80
N VAL A 160 -15.55 7.37 4.83
CA VAL A 160 -15.02 6.02 4.65
C VAL A 160 -16.16 5.05 4.33
N VAL A 161 -16.01 4.28 3.26
CA VAL A 161 -17.07 3.39 2.79
C VAL A 161 -16.65 1.91 2.89
N PRO A 162 -17.44 1.07 3.58
CA PRO A 162 -17.10 -0.37 3.62
C PRO A 162 -17.15 -0.97 2.22
N ILE A 163 -16.30 -1.96 1.94
CA ILE A 163 -16.25 -2.60 0.63
C ILE A 163 -16.36 -4.11 0.74
N LEU A 164 -17.17 -4.72 -0.11
CA LEU A 164 -17.20 -6.17 -0.27
C LEU A 164 -16.90 -6.54 -1.71
N VAL A 165 -15.98 -7.48 -1.93
CA VAL A 165 -15.69 -7.97 -3.27
C VAL A 165 -15.96 -9.49 -3.30
N GLU A 166 -16.73 -9.94 -4.29
CA GLU A 166 -16.97 -11.37 -4.46
C GLU A 166 -16.65 -11.78 -5.89
N LEU A 167 -15.75 -12.74 -6.04
CA LEU A 167 -15.38 -13.21 -7.38
C LEU A 167 -15.47 -14.73 -7.50
N ASP A 168 -16.10 -15.19 -8.57
CA ASP A 168 -16.06 -16.60 -8.93
C ASP A 168 -15.27 -16.73 -10.22
N GLY A 169 -14.20 -17.52 -10.20
CA GLY A 169 -13.37 -17.67 -11.38
C GLY A 169 -13.29 -19.11 -11.85
N ASP A 170 -12.99 -19.26 -13.14
CA ASP A 170 -12.73 -20.56 -13.77
C ASP A 170 -11.64 -20.35 -14.81
N VAL A 171 -10.42 -20.81 -14.51
CA VAL A 171 -9.29 -20.66 -15.41
C VAL A 171 -8.77 -22.04 -15.82
N ASN A 172 -8.88 -22.37 -17.11
CA ASN A 172 -8.55 -23.69 -17.64
C ASN A 172 -9.24 -24.83 -16.88
N GLY A 173 -10.43 -24.56 -16.37
CA GLY A 173 -11.20 -25.58 -15.67
C GLY A 173 -10.99 -25.59 -14.16
N HIS A 174 -10.07 -24.78 -13.68
CA HIS A 174 -9.79 -24.70 -12.24
C HIS A 174 -10.72 -23.65 -11.64
N LYS A 175 -11.68 -24.09 -10.84
CA LYS A 175 -12.71 -23.19 -10.31
C LYS A 175 -12.34 -22.71 -8.91
N PHE A 176 -12.46 -21.41 -8.66
CA PHE A 176 -12.05 -20.84 -7.38
C PHE A 176 -12.95 -19.66 -7.05
N SER A 177 -13.02 -19.29 -5.78
CA SER A 177 -13.72 -18.07 -5.39
C SER A 177 -12.80 -17.24 -4.51
N VAL A 178 -12.98 -15.93 -4.58
CA VAL A 178 -12.21 -14.99 -3.79
C VAL A 178 -13.21 -14.06 -3.11
N ARG A 179 -12.98 -13.76 -1.84
CA ARG A 179 -13.80 -12.76 -1.14
C ARG A 179 -12.90 -11.68 -0.58
N GLY A 180 -13.27 -10.43 -0.76
CA GLY A 180 -12.47 -9.32 -0.25
C GLY A 180 -13.32 -8.44 0.64
N GLU A 181 -12.73 -7.95 1.74
CA GLU A 181 -13.43 -7.03 2.63
C GLU A 181 -12.47 -5.91 3.04
N GLY A 182 -12.99 -4.70 3.17
CA GLY A 182 -12.15 -3.60 3.62
C GLY A 182 -12.92 -2.31 3.48
N GLU A 183 -12.22 -1.23 3.15
CA GLU A 183 -12.89 0.05 3.09
C GLU A 183 -12.18 0.98 2.11
N GLY A 184 -12.95 1.94 1.58
CA GLY A 184 -12.46 2.90 0.61
C GLY A 184 -12.64 4.34 1.07
N ASP A 185 -11.68 5.18 0.70
CA ASP A 185 -11.64 6.56 1.17
C ASP A 185 -11.34 7.46 -0.03
N ALA A 186 -12.36 7.75 -0.82
CA ALA A 186 -12.18 8.43 -2.10
C ALA A 186 -11.63 9.86 -1.93
N THR A 187 -11.89 10.45 -0.78
CA THR A 187 -11.35 11.78 -0.46
C THR A 187 -9.84 11.76 -0.60
N ASN A 188 -9.24 10.64 -0.21
CA ASN A 188 -7.79 10.47 -0.29
C ASN A 188 -7.37 9.49 -1.39
N GLY A 189 -8.32 9.06 -2.22
CA GLY A 189 -8.06 8.17 -3.32
C GLY A 189 -7.52 6.81 -2.90
N LYS A 190 -7.85 6.42 -1.67
CA LYS A 190 -7.22 5.27 -1.04
C LYS A 190 -8.17 4.09 -0.80
N LEU A 191 -7.68 2.88 -0.99
CA LEU A 191 -8.47 1.75 -0.52
C LEU A 191 -7.56 0.72 0.14
N THR A 192 -8.13 -0.02 1.07
CA THR A 192 -7.42 -1.04 1.82
C THR A 192 -8.30 -2.27 1.88
N LEU A 193 -7.82 -3.38 1.32
CA LEU A 193 -8.61 -4.59 1.20
C LEU A 193 -7.78 -5.81 1.55
N LYS A 194 -8.42 -6.79 2.18
CA LYS A 194 -7.86 -8.12 2.31
C LYS A 194 -8.70 -9.15 1.56
N PHE A 195 -8.05 -9.91 0.68
CA PHE A 195 -8.73 -10.90 -0.14
C PHE A 195 -8.32 -12.29 0.35
N ILE A 196 -9.26 -13.22 0.42
CA ILE A 196 -8.89 -14.61 0.64
C ILE A 196 -9.46 -15.50 -0.48
N CYS A 197 -8.72 -16.54 -0.83
CA CYS A 197 -9.27 -17.57 -1.69
C CYS A 197 -10.09 -18.51 -0.80
N THR A 198 -11.41 -18.40 -0.91
CA THR A 198 -12.32 -19.11 0.00
C THR A 198 -12.42 -20.59 -0.31
N THR A 199 -12.04 -20.97 -1.52
CA THR A 199 -12.16 -22.37 -1.96
C THR A 199 -10.89 -23.19 -1.76
N GLY A 200 -9.78 -22.54 -1.44
CA GLY A 200 -8.54 -23.28 -1.26
C GLY A 200 -7.35 -22.52 -1.80
N LYS A 201 -6.49 -23.19 -2.57
CA LYS A 201 -5.35 -22.49 -3.18
C LYS A 201 -5.76 -21.78 -4.46
N LEU A 202 -5.31 -20.54 -4.63
CA LEU A 202 -5.53 -19.79 -5.86
C LEU A 202 -4.70 -20.39 -6.98
N PRO A 203 -5.34 -20.77 -8.10
CA PRO A 203 -4.63 -21.45 -9.19
C PRO A 203 -3.92 -20.50 -10.17
N VAL A 204 -3.99 -19.20 -9.90
CA VAL A 204 -3.28 -18.20 -10.71
C VAL A 204 -2.62 -17.26 -9.70
N PRO A 205 -1.63 -16.45 -10.14
CA PRO A 205 -0.99 -15.55 -9.17
C PRO A 205 -1.92 -14.42 -8.72
N TRP A 206 -1.89 -14.09 -7.43
CA TRP A 206 -2.67 -12.95 -6.93
C TRP A 206 -2.52 -11.67 -7.80
N PRO A 207 -1.29 -11.31 -8.23
CA PRO A 207 -1.24 -10.06 -9.01
C PRO A 207 -2.04 -10.05 -10.32
N THR A 208 -2.33 -11.22 -10.91
CA THR A 208 -3.10 -11.21 -12.15
C THR A 208 -4.57 -10.86 -11.91
N LEU A 209 -5.00 -10.85 -10.64
CA LEU A 209 -6.41 -10.55 -10.32
C LEU A 209 -6.62 -9.13 -9.77
N VAL A 210 -5.54 -8.40 -9.57
CA VAL A 210 -5.65 -7.08 -8.94
C VAL A 210 -6.60 -6.16 -9.71
N THR A 211 -6.47 -6.08 -11.03
CA THR A 211 -7.31 -5.14 -11.79
C THR A 211 -8.78 -5.55 -11.75
N THR A 212 -9.04 -6.85 -11.68
CA THR A 212 -10.41 -7.35 -11.67
C THR A 212 -11.08 -7.09 -10.33
N LEU A 213 -10.33 -7.29 -9.25
CA LEU A 213 -10.82 -7.10 -7.88
C LEU A 213 -10.99 -5.63 -7.53
N VAL A 215 -12.83 -1.19 -8.54
CA VAL A 215 -13.74 -0.24 -7.89
C VAL A 215 -13.20 1.19 -8.06
N GLN A 216 -13.14 1.62 -9.31
CA GLN A 216 -12.55 2.91 -9.66
C GLN A 216 -13.39 4.09 -9.19
N CYS A 217 -14.57 3.83 -8.62
CA CYS A 217 -15.33 4.87 -7.91
C CYS A 217 -14.59 5.42 -6.67
N PHE A 218 -13.54 4.75 -6.22
CA PHE A 218 -12.77 5.27 -5.08
C PHE A 218 -11.55 6.12 -5.48
N SER A 219 -11.38 6.36 -6.78
CA SER A 219 -10.38 7.32 -7.29
C SER A 219 -10.62 8.71 -6.70
N ARG A 220 -9.53 9.44 -6.44
CA ARG A 220 -9.68 10.84 -6.09
C ARG A 220 -9.67 11.72 -7.34
N TYR A 221 -10.83 12.28 -7.65
CA TYR A 221 -10.93 13.29 -8.70
C TYR A 221 -10.76 14.67 -8.08
N PRO A 222 -9.72 15.43 -8.49
CA PRO A 222 -9.52 16.78 -7.97
C PRO A 222 -10.68 17.69 -8.29
N ASP A 223 -10.82 18.79 -7.56
CA ASP A 223 -11.92 19.72 -7.74
C ASP A 223 -12.18 20.14 -9.19
N HIS A 224 -11.12 20.38 -9.94
CA HIS A 224 -11.27 20.86 -11.30
C HIS A 224 -11.69 19.74 -12.27
N MET A 225 -11.82 18.52 -11.76
CA MET A 225 -12.20 17.40 -12.61
C MET A 225 -13.48 16.68 -12.16
N LYS A 226 -14.22 17.26 -11.23
CA LYS A 226 -15.32 16.50 -10.63
C LYS A 226 -16.47 16.33 -11.62
N ARG A 227 -16.49 17.12 -12.68
CA ARG A 227 -17.45 16.92 -13.76
C ARG A 227 -17.10 15.71 -14.63
N HIS A 228 -16.02 15.00 -14.32
CA HIS A 228 -15.60 13.90 -15.19
C HIS A 228 -15.55 12.55 -14.47
N ASP A 229 -16.21 12.46 -13.33
CA ASP A 229 -16.22 11.23 -12.54
C ASP A 229 -17.48 10.39 -12.84
N PHE A 230 -17.42 9.61 -13.91
CA PHE A 230 -18.51 8.71 -14.28
C PHE A 230 -18.84 7.70 -13.19
N PHE A 231 -17.79 7.12 -12.61
CA PHE A 231 -17.95 6.01 -11.68
C PHE A 231 -18.83 6.35 -10.48
N LYS A 232 -18.55 7.47 -9.80
CA LYS A 232 -19.40 7.88 -8.69
C LYS A 232 -20.81 8.31 -9.15
N SER A 233 -20.91 8.91 -10.34
CA SER A 233 -22.18 9.48 -10.79
C SER A 233 -23.22 8.39 -11.03
N ALA A 234 -22.75 7.18 -11.33
CA ALA A 234 -23.64 6.05 -11.58
C ALA A 234 -24.17 5.42 -10.28
N MET A 235 -23.61 5.82 -9.15
CA MET A 235 -24.03 5.29 -7.84
C MET A 235 -25.31 5.97 -7.37
N PRO A 236 -26.14 5.30 -6.55
CA PRO A 236 -25.97 3.99 -5.91
C PRO A 236 -26.33 2.81 -6.81
N GLU A 237 -27.10 3.06 -7.88
CA GLU A 237 -27.55 2.00 -8.80
C GLU A 237 -26.38 1.21 -9.37
N GLY A 238 -25.30 1.90 -9.69
CA GLY A 238 -24.05 1.21 -10.04
C GLY A 238 -23.75 1.10 -11.53
N TYR A 239 -22.70 0.36 -11.84
CA TYR A 239 -22.32 0.12 -13.23
C TYR A 239 -21.88 -1.32 -13.48
N VAL A 240 -22.01 -1.72 -14.74
CA VAL A 240 -21.47 -2.98 -15.23
C VAL A 240 -20.07 -2.68 -15.73
N GLN A 241 -19.11 -3.51 -15.33
CA GLN A 241 -17.75 -3.39 -15.79
C GLN A 241 -17.32 -4.69 -16.47
N GLU A 242 -17.01 -4.63 -17.76
CA GLU A 242 -16.62 -5.82 -18.51
C GLU A 242 -15.22 -5.68 -19.05
N ARG A 243 -14.43 -6.74 -18.95
CA ARG A 243 -13.09 -6.73 -19.50
C ARG A 243 -12.72 -7.98 -20.30
N THR A 244 -11.83 -7.79 -21.26
CA THR A 244 -10.97 -8.86 -21.77
C THR A 244 -9.55 -8.53 -21.34
N ILE A 245 -8.84 -9.52 -20.81
CA ILE A 245 -7.43 -9.38 -20.44
C ILE A 245 -6.64 -10.48 -21.15
N SER A 246 -5.85 -10.06 -22.13
CA SER A 246 -5.02 -10.97 -22.90
C SER A 246 -3.61 -10.98 -22.32
N PHE A 247 -3.19 -12.13 -21.79
CA PHE A 247 -1.80 -12.30 -21.36
C PHE A 247 -0.96 -12.68 -22.58
N LYS A 248 0.04 -11.86 -22.90
CA LYS A 248 0.85 -12.10 -24.08
C LYS A 248 1.54 -13.45 -24.01
N ASP A 249 1.45 -14.17 -25.13
CA ASP A 249 1.99 -15.52 -25.31
C ASP A 249 1.40 -16.50 -24.29
N ASP A 250 0.20 -16.22 -23.83
CA ASP A 250 -0.46 -17.10 -22.88
C ASP A 250 -1.98 -16.95 -23.04
N GLY A 251 -2.74 -17.23 -21.99
CA GLY A 251 -4.19 -17.30 -22.09
C GLY A 251 -4.89 -15.96 -21.95
N THR A 252 -6.22 -15.99 -21.84
CA THR A 252 -7.03 -14.78 -21.78
C THR A 252 -8.11 -14.87 -20.68
N TYR A 253 -8.29 -13.81 -19.91
CA TYR A 253 -9.44 -13.68 -19.01
C TYR A 253 -10.54 -12.87 -19.69
N LYS A 254 -11.78 -13.29 -19.48
CA LYS A 254 -12.94 -12.41 -19.71
C LYS A 254 -13.68 -12.23 -18.41
N THR A 255 -14.03 -10.99 -18.06
CA THR A 255 -14.68 -10.73 -16.79
C THR A 255 -15.93 -9.91 -16.98
N ARG A 256 -16.92 -10.17 -16.13
CA ARG A 256 -18.10 -9.32 -16.04
C ARG A 256 -18.42 -9.09 -14.57
N ALA A 257 -18.59 -7.81 -14.20
CA ALA A 257 -18.87 -7.46 -12.82
C ALA A 257 -19.96 -6.40 -12.72
N GLU A 258 -20.59 -6.34 -11.56
CA GLU A 258 -21.47 -5.23 -11.21
C GLU A 258 -20.89 -4.58 -9.98
N VAL A 259 -20.77 -3.25 -10.04
CA VAL A 259 -20.27 -2.47 -8.92
C VAL A 259 -21.39 -1.57 -8.49
N LYS A 260 -21.80 -1.70 -7.23
CA LYS A 260 -23.02 -1.03 -6.78
C LYS A 260 -23.10 -1.04 -5.27
N PHE A 261 -23.92 -0.14 -4.70
CA PHE A 261 -24.15 -0.15 -3.27
C PHE A 261 -25.20 -1.21 -2.90
N GLU A 262 -24.90 -2.02 -1.90
CA GLU A 262 -25.90 -2.86 -1.25
C GLU A 262 -25.96 -2.43 0.21
N GLY A 263 -27.05 -1.76 0.58
CA GLY A 263 -27.09 -1.05 1.84
C GLY A 263 -26.03 0.02 1.81
N ASP A 264 -25.21 0.09 2.86
CA ASP A 264 -24.19 1.13 2.92
C ASP A 264 -22.84 0.61 2.47
N THR A 265 -22.84 -0.60 1.92
CA THR A 265 -21.60 -1.23 1.43
C THR A 265 -21.49 -1.13 -0.09
N LEU A 266 -20.32 -0.71 -0.57
CA LEU A 266 -20.02 -0.74 -2.00
C LEU A 266 -19.56 -2.16 -2.34
N VAL A 267 -20.27 -2.82 -3.25
CA VAL A 267 -20.03 -4.22 -3.59
C VAL A 267 -19.54 -4.35 -5.03
N ASN A 268 -18.49 -5.15 -5.22
CA ASN A 268 -17.97 -5.48 -6.55
C ASN A 268 -18.12 -7.00 -6.71
N ARG A 269 -19.08 -7.42 -7.53
CA ARG A 269 -19.38 -8.84 -7.68
C ARG A 269 -19.05 -9.30 -9.09
N ILE A 270 -18.16 -10.29 -9.21
CA ILE A 270 -17.46 -10.58 -10.48
C ILE A 270 -17.58 -12.05 -10.91
N GLU A 271 -17.70 -12.28 -12.21
CA GLU A 271 -17.49 -13.60 -12.79
C GLU A 271 -16.33 -13.54 -13.75
N LEU A 272 -15.41 -14.50 -13.64
CA LEU A 272 -14.21 -14.50 -14.47
C LEU A 272 -14.04 -15.85 -15.15
N LYS A 273 -13.73 -15.83 -16.44
CA LYS A 273 -13.44 -17.07 -17.16
C LYS A 273 -12.11 -16.94 -17.90
N GLY A 274 -11.18 -17.86 -17.63
CA GLY A 274 -9.89 -17.84 -18.30
C GLY A 274 -9.70 -19.09 -19.14
N ILE A 275 -9.24 -18.92 -20.37
CA ILE A 275 -9.00 -20.04 -21.28
C ILE A 275 -7.66 -19.94 -21.98
N ASP A 276 -7.21 -21.07 -22.54
CA ASP A 276 -6.02 -21.17 -23.38
C ASP A 276 -4.72 -20.86 -22.61
N PHE A 277 -4.72 -21.03 -21.30
CA PHE A 277 -3.50 -20.80 -20.54
C PHE A 277 -2.53 -21.97 -20.66
N LYS A 278 -1.24 -21.67 -20.68
CA LYS A 278 -0.19 -22.70 -20.70
C LYS A 278 0.02 -23.28 -19.29
N GLU A 279 0.01 -24.60 -19.16
CA GLU A 279 0.07 -25.23 -17.84
C GLU A 279 1.38 -24.93 -17.11
N ASP A 280 2.47 -24.71 -17.84
CA ASP A 280 3.70 -24.25 -17.19
C ASP A 280 4.16 -22.88 -17.71
N GLY A 281 3.19 -22.02 -18.00
CA GLY A 281 3.50 -20.66 -18.39
C GLY A 281 3.63 -19.82 -17.14
N ASN A 282 3.70 -18.50 -17.31
CA ASN A 282 3.94 -17.61 -16.18
C ASN A 282 2.77 -17.53 -15.23
N ILE A 283 1.57 -17.80 -15.74
CA ILE A 283 0.39 -17.66 -14.93
C ILE A 283 0.09 -18.96 -14.16
N LEU A 284 -0.23 -20.04 -14.88
CA LEU A 284 -0.53 -21.30 -14.22
C LEU A 284 0.69 -21.89 -13.50
N GLY A 285 1.89 -21.52 -13.96
CA GLY A 285 3.12 -21.94 -13.30
C GLY A 285 3.56 -21.05 -12.14
N HIS A 286 2.77 -20.04 -11.77
CA HIS A 286 3.10 -19.15 -10.63
C HIS A 286 4.54 -18.61 -10.69
N LYS A 287 4.86 -17.93 -11.80
CA LYS A 287 6.20 -17.39 -12.03
C LYS A 287 6.24 -15.86 -11.90
N LEU A 288 5.18 -15.26 -11.36
CA LEU A 288 5.10 -13.79 -11.24
C LEU A 288 5.47 -13.29 -9.84
N GLU A 289 6.27 -12.24 -9.76
CA GLU A 289 6.61 -11.65 -8.46
C GLU A 289 5.36 -11.18 -7.72
N TYR A 290 5.42 -11.22 -6.39
CA TYR A 290 4.30 -10.75 -5.57
C TYR A 290 4.40 -9.23 -5.39
N ASN A 291 4.10 -8.50 -6.45
CA ASN A 291 4.06 -7.05 -6.38
C ASN A 291 3.22 -6.55 -7.57
N PHE A 292 3.07 -5.24 -7.71
CA PHE A 292 2.22 -4.71 -8.77
C PHE A 292 2.70 -3.32 -9.12
N ASN A 293 3.06 -3.12 -10.38
CA ASN A 293 3.67 -1.87 -10.81
C ASN A 293 2.60 -0.78 -10.92
N SER A 294 3.03 0.44 -11.20
CA SER A 294 2.10 1.56 -11.24
C SER A 294 1.72 1.87 -12.69
N HIS A 295 0.47 2.27 -12.91
CA HIS A 295 -0.01 2.47 -14.27
C HIS A 295 -0.82 3.74 -14.43
N ASN A 296 -0.82 4.27 -15.63
CA ASN A 296 -1.66 5.40 -16.01
C ASN A 296 -2.70 4.88 -16.98
N VAL A 297 -3.95 4.89 -16.56
CA VAL A 297 -5.02 4.31 -17.38
C VAL A 297 -5.88 5.37 -18.07
N TYR A 298 -5.91 5.36 -19.40
CA TYR A 298 -6.61 6.39 -20.19
C TYR A 298 -8.12 6.09 -20.27
N ILE A 299 -8.93 7.05 -19.82
CA ILE A 299 -10.38 6.89 -19.79
C ILE A 299 -11.03 7.75 -20.87
N THR A 300 -11.97 7.19 -21.61
CA THR A 300 -12.72 8.00 -22.59
C THR A 300 -14.20 7.70 -22.46
N ALA A 301 -15.02 8.68 -22.84
CA ALA A 301 -16.46 8.53 -22.86
C ALA A 301 -16.88 7.61 -24.02
N ASP A 302 -17.77 6.67 -23.73
CA ASP A 302 -18.38 5.83 -24.74
C ASP A 302 -19.79 6.35 -24.97
N LYS A 303 -19.92 7.29 -25.90
CA LYS A 303 -21.16 8.07 -26.01
C LYS A 303 -22.39 7.23 -26.36
N GLN A 304 -22.21 6.21 -27.19
CA GLN A 304 -23.35 5.44 -27.67
C GLN A 304 -23.87 4.47 -26.61
N LYS A 305 -22.99 4.09 -25.69
CA LYS A 305 -23.38 3.17 -24.63
C LYS A 305 -23.60 3.89 -23.32
N ASN A 306 -23.48 5.22 -23.33
CA ASN A 306 -23.70 6.03 -22.13
C ASN A 306 -22.72 5.64 -21.01
N GLY A 307 -21.49 5.31 -21.37
CA GLY A 307 -20.53 4.84 -20.38
C GLY A 307 -19.12 5.31 -20.66
N ILE A 308 -18.15 4.54 -20.17
CA ILE A 308 -16.76 4.85 -20.44
C ILE A 308 -16.05 3.63 -21.01
N LYS A 309 -14.90 3.84 -21.61
CA LYS A 309 -14.06 2.73 -21.99
C LYS A 309 -12.63 3.02 -21.65
N ALA A 310 -11.82 1.97 -21.61
CA ALA A 310 -10.42 2.09 -21.24
C ALA A 310 -9.66 0.89 -21.75
N ASN A 311 -8.64 1.12 -22.57
CA ASN A 311 -7.70 0.07 -22.91
C ASN A 311 -6.34 0.44 -22.34
N PHE A 312 -5.68 -0.52 -21.72
CA PHE A 312 -4.41 -0.22 -21.09
C PHE A 312 -3.54 -1.48 -20.94
N LYS A 313 -2.25 -1.26 -20.71
CA LYS A 313 -1.28 -2.34 -20.72
C LYS A 313 -0.68 -2.52 -19.30
N ILE A 314 -0.97 -3.64 -18.66
CA ILE A 314 -0.43 -3.94 -17.34
C ILE A 314 0.88 -4.69 -17.49
N ARG A 315 1.90 -4.26 -16.74
CA ARG A 315 3.19 -4.95 -16.75
C ARG A 315 3.42 -5.71 -15.43
N HIS A 316 3.52 -7.04 -15.52
CA HIS A 316 3.78 -7.90 -14.37
C HIS A 316 5.25 -8.34 -14.34
N ASN A 317 5.97 -8.04 -13.26
CA ASN A 317 7.33 -8.58 -13.09
C ASN A 317 7.34 -10.12 -13.01
N VAL A 318 8.17 -10.76 -13.84
CA VAL A 318 8.30 -12.22 -13.85
C VAL A 318 9.58 -12.58 -13.11
N GLU A 319 9.59 -13.73 -12.44
CA GLU A 319 10.74 -14.09 -11.61
C GLU A 319 12.04 -14.35 -12.40
N ASP A 320 11.96 -14.45 -13.72
CA ASP A 320 13.19 -14.65 -14.48
C ASP A 320 13.73 -13.31 -14.99
N GLY A 321 13.16 -12.20 -14.52
CA GLY A 321 13.66 -10.89 -14.91
C GLY A 321 12.96 -10.30 -16.13
N SER A 322 11.99 -11.02 -16.67
CA SER A 322 11.27 -10.53 -17.84
C SER A 322 10.01 -9.85 -17.37
N VAL A 323 9.25 -9.32 -18.31
CA VAL A 323 7.99 -8.70 -18.00
C VAL A 323 6.88 -9.45 -18.72
N GLN A 324 5.81 -9.75 -17.99
CA GLN A 324 4.64 -10.38 -18.57
C GLN A 324 3.55 -9.33 -18.80
N LEU A 325 3.20 -9.07 -20.06
CA LEU A 325 2.18 -8.07 -20.39
C LEU A 325 0.77 -8.64 -20.25
N ALA A 326 -0.14 -7.84 -19.71
CA ALA A 326 -1.55 -8.20 -19.67
C ALA A 326 -2.31 -7.04 -20.30
N ASP A 327 -2.76 -7.24 -21.54
CA ASP A 327 -3.42 -6.16 -22.25
C ASP A 327 -4.91 -6.14 -21.93
N HIS A 328 -5.38 -5.01 -21.41
CA HIS A 328 -6.74 -4.87 -20.92
C HIS A 328 -7.63 -4.11 -21.89
N TYR A 329 -8.85 -4.61 -22.07
CA TYR A 329 -9.88 -3.91 -22.81
C TYR A 329 -11.09 -3.78 -21.90
N GLN A 330 -11.49 -2.56 -21.58
CA GLN A 330 -12.55 -2.37 -20.59
C GLN A 330 -13.72 -1.51 -21.10
N GLN A 331 -14.94 -1.89 -20.72
CA GLN A 331 -16.12 -1.10 -21.02
C GLN A 331 -17.02 -1.08 -19.78
N ASN A 332 -17.53 0.11 -19.44
CA ASN A 332 -18.45 0.28 -18.31
C ASN A 332 -19.75 0.95 -18.76
N THR A 333 -20.88 0.47 -18.23
CA THR A 333 -22.18 1.04 -18.54
C THR A 333 -23.01 1.12 -17.27
N PRO A 334 -23.77 2.21 -17.10
CA PRO A 334 -24.56 2.38 -15.87
C PRO A 334 -25.68 1.36 -15.76
N ILE A 335 -26.01 0.96 -14.54
CA ILE A 335 -27.12 0.05 -14.30
C ILE A 335 -28.42 0.84 -14.23
N GLY A 336 -28.36 2.02 -13.64
CA GLY A 336 -29.56 2.84 -13.49
C GLY A 336 -29.99 3.53 -14.77
N ASP A 337 -31.06 4.32 -14.69
CA ASP A 337 -31.51 5.09 -15.83
C ASP A 337 -31.18 6.57 -15.64
N GLY A 338 -30.72 6.91 -14.44
CA GLY A 338 -30.44 8.29 -14.09
C GLY A 338 -29.28 8.87 -14.87
N PRO A 339 -29.17 10.21 -14.90
CA PRO A 339 -28.07 10.88 -15.60
C PRO A 339 -26.70 10.48 -15.03
N VAL A 340 -25.74 10.25 -15.92
CA VAL A 340 -24.36 10.01 -15.50
C VAL A 340 -23.45 11.04 -16.15
N LEU A 341 -22.26 11.17 -15.59
CA LEU A 341 -21.26 12.07 -16.15
C LEU A 341 -20.49 11.35 -17.26
N LEU A 342 -20.49 11.93 -18.45
CA LEU A 342 -19.65 11.40 -19.52
C LEU A 342 -18.40 12.26 -19.63
N PRO A 343 -17.23 11.68 -19.37
CA PRO A 343 -16.06 12.53 -19.15
C PRO A 343 -15.28 12.93 -20.40
N ASP A 344 -14.62 14.09 -20.34
CA ASP A 344 -13.54 14.37 -21.28
C ASP A 344 -12.46 13.32 -21.06
N ASN A 345 -11.59 13.16 -22.05
CA ASN A 345 -10.48 12.21 -21.94
C ASN A 345 -9.60 12.58 -20.75
N HIS A 346 -9.22 11.60 -19.95
CA HIS A 346 -8.38 11.86 -18.78
C HIS A 346 -7.72 10.55 -18.40
N TYR A 347 -6.92 10.54 -17.34
CA TYR A 347 -6.37 9.27 -16.93
C TYR A 347 -6.39 9.10 -15.43
N LEU A 348 -6.35 7.85 -15.00
CA LEU A 348 -6.23 7.48 -13.60
C LEU A 348 -4.82 6.97 -13.35
N SER A 349 -4.13 7.61 -12.42
CA SER A 349 -2.79 7.19 -12.02
C SER A 349 -2.91 6.28 -10.80
N THR A 350 -2.49 5.02 -10.97
CA THR A 350 -2.69 3.99 -9.96
C THR A 350 -1.38 3.50 -9.35
N GLN A 351 -1.35 3.30 -8.04
CA GLN A 351 -0.18 2.77 -7.37
C GLN A 351 -0.65 1.78 -6.34
N SER A 352 0.03 0.64 -6.24
CA SER A 352 -0.48 -0.49 -5.47
C SER A 352 0.62 -1.14 -4.63
N VAL A 353 0.28 -1.48 -3.39
CA VAL A 353 1.22 -2.20 -2.54
C VAL A 353 0.59 -3.53 -2.12
N LEU A 354 1.29 -4.65 -2.37
CA LEU A 354 0.77 -5.96 -1.96
C LEU A 354 1.50 -6.49 -0.75
N SER A 355 0.79 -7.10 0.18
CA SER A 355 1.46 -7.64 1.37
C SER A 355 0.70 -8.87 1.89
N LYS A 356 1.19 -9.43 2.98
CA LYS A 356 0.57 -10.58 3.63
C LYS A 356 0.18 -10.19 5.05
N ASP A 357 -0.91 -10.80 5.53
CA ASP A 357 -1.38 -10.69 6.90
C ASP A 357 -0.74 -11.83 7.72
N PRO A 358 0.15 -11.50 8.69
CA PRO A 358 0.81 -12.56 9.47
C PRO A 358 -0.14 -13.45 10.30
N ASN A 359 -1.37 -13.00 10.54
CA ASN A 359 -2.32 -13.81 11.29
C ASN A 359 -3.19 -14.72 10.42
N GLU A 360 -3.05 -14.59 9.10
CA GLU A 360 -3.94 -15.29 8.16
C GLU A 360 -3.31 -16.58 7.64
N LYS A 361 -3.98 -17.71 7.82
CA LYS A 361 -3.41 -18.97 7.38
C LYS A 361 -3.92 -19.39 5.98
N ARG A 362 -4.95 -18.73 5.50
CA ARG A 362 -5.46 -19.04 4.15
C ARG A 362 -4.66 -18.36 3.04
N ASP A 363 -4.84 -18.82 1.81
CA ASP A 363 -4.21 -18.19 0.67
C ASP A 363 -4.86 -16.80 0.54
N HIS A 364 -4.05 -15.74 0.51
CA HIS A 364 -4.64 -14.41 0.66
C HIS A 364 -3.78 -13.30 0.08
N MET A 365 -4.38 -12.13 -0.11
CA MET A 365 -3.64 -10.94 -0.50
C MET A 365 -4.16 -9.72 0.27
N VAL A 366 -3.27 -8.95 0.81
CA VAL A 366 -3.61 -7.69 1.43
C VAL A 366 -3.19 -6.65 0.39
N LEU A 367 -4.10 -5.80 0.02
CA LEU A 367 -3.84 -4.81 -0.96
C LEU A 367 -4.13 -3.40 -0.50
N LEU A 368 -3.24 -2.47 -0.84
CA LEU A 368 -3.39 -1.07 -0.56
C LEU A 368 -3.21 -0.31 -1.88
N GLU A 369 -4.22 0.43 -2.36
CA GLU A 369 -4.01 1.25 -3.55
C GLU A 369 -4.35 2.70 -3.33
N PHE A 370 -3.75 3.49 -4.18
CA PHE A 370 -3.86 4.94 -4.20
C PHE A 370 -4.09 5.34 -5.63
N VAL A 371 -5.20 6.00 -5.89
CA VAL A 371 -5.57 6.38 -7.25
C VAL A 371 -5.98 7.86 -7.32
N THR A 372 -5.39 8.57 -8.27
CA THR A 372 -5.75 9.96 -8.50
C THR A 372 -6.03 10.16 -9.98
N ALA A 373 -7.00 11.01 -10.31
CA ALA A 373 -7.30 11.31 -11.70
C ALA A 373 -6.51 12.54 -12.15
N ALA A 374 -6.13 12.57 -13.42
CA ALA A 374 -5.39 13.71 -13.97
C ALA A 374 -5.60 13.85 -15.49
N GLY A 375 -4.93 14.83 -16.10
CA GLY A 375 -4.91 14.95 -17.55
C GLY A 375 -5.73 16.07 -18.14
N ILE A 376 -6.42 16.83 -17.28
CA ILE A 376 -7.23 17.94 -17.73
C ILE A 376 -6.61 19.24 -17.22
N THR A 377 -6.15 20.08 -18.14
CA THR A 377 -5.52 21.35 -17.77
C THR A 377 -6.07 22.48 -18.63
N LEU A 378 -7.23 22.98 -18.22
CA LEU A 378 -7.91 24.02 -18.99
C LEU A 378 -7.61 25.40 -18.39
N VAL A 379 -8.11 26.43 -19.06
CA VAL A 379 -8.03 27.78 -18.53
C VAL A 379 -8.72 27.83 -17.17
N PRO A 380 -7.98 28.24 -16.13
CA PRO A 380 -8.50 28.42 -14.76
C PRO A 380 -9.87 29.10 -14.72
N ARG A 381 -10.75 28.61 -13.86
CA ARG A 381 -12.09 29.18 -13.73
C ARG A 381 -12.52 29.28 -12.27
N ASP B 5 20.53 -18.75 38.65
CA ASP B 5 21.82 -19.39 38.90
C ASP B 5 22.97 -18.45 38.55
N ASP B 6 24.06 -19.02 38.06
CA ASP B 6 25.23 -18.26 37.67
C ASP B 6 25.31 -18.16 36.14
N TYR B 7 24.28 -18.68 35.47
CA TYR B 7 24.29 -18.77 34.02
C TYR B 7 23.10 -18.05 33.41
N THR B 8 23.18 -17.79 32.10
CA THR B 8 22.02 -17.36 31.35
C THR B 8 21.06 -18.54 31.24
N GLU B 9 19.78 -18.24 31.04
CA GLU B 9 18.75 -19.28 30.97
C GLU B 9 19.06 -20.30 29.88
N LYS B 10 19.58 -19.83 28.75
CA LYS B 10 19.88 -20.72 27.64
C LYS B 10 21.15 -21.54 27.88
N ALA B 11 22.17 -20.91 28.47
CA ALA B 11 23.37 -21.62 28.86
C ALA B 11 23.01 -22.70 29.87
N TRP B 12 22.15 -22.33 30.82
CA TRP B 12 21.76 -23.24 31.87
C TRP B 12 20.93 -24.42 31.35
N GLU B 13 20.06 -24.17 30.37
CA GLU B 13 19.23 -25.24 29.85
C GLU B 13 20.06 -26.23 29.00
N ALA B 14 21.18 -25.76 28.47
CA ALA B 14 22.11 -26.65 27.77
C ALA B 14 22.81 -27.57 28.76
N ILE B 15 23.31 -26.99 29.84
CA ILE B 15 23.99 -27.73 30.90
C ILE B 15 23.07 -28.79 31.51
N SER B 16 21.80 -28.45 31.69
CA SER B 16 20.82 -29.37 32.24
C SER B 16 20.54 -30.56 31.32
N SER B 17 20.63 -30.35 30.01
CA SER B 17 20.38 -31.41 29.04
C SER B 17 21.51 -32.46 29.01
N LEU B 18 22.66 -32.13 29.60
CA LEU B 18 23.84 -33.00 29.54
C LEU B 18 23.61 -34.41 30.08
N ASN B 19 22.84 -34.53 31.14
CA ASN B 19 22.55 -35.85 31.71
C ASN B 19 21.91 -36.79 30.68
N LYS B 20 20.87 -36.31 30.01
CA LYS B 20 20.17 -37.10 28.99
C LYS B 20 21.08 -37.43 27.81
N ILE B 21 22.02 -36.53 27.50
CA ILE B 21 22.98 -36.79 26.44
C ILE B 21 23.92 -37.92 26.85
N GLY B 22 24.41 -37.87 28.09
CA GLY B 22 25.22 -38.93 28.63
C GLY B 22 24.50 -40.26 28.57
N GLU B 23 23.20 -40.25 28.88
CA GLU B 23 22.41 -41.47 28.87
C GLU B 23 22.28 -42.03 27.46
N LYS B 24 22.02 -41.13 26.50
CA LYS B 24 21.85 -41.51 25.09
C LYS B 24 23.05 -42.28 24.56
N TYR B 25 24.24 -41.88 24.99
CA TYR B 25 25.47 -42.49 24.49
C TYR B 25 26.05 -43.50 25.48
N ASP B 26 25.29 -43.81 26.52
CA ASP B 26 25.67 -44.86 27.48
C ASP B 26 27.05 -44.57 28.05
N SER B 27 27.22 -43.35 28.55
CA SER B 27 28.49 -42.89 29.07
C SER B 27 28.36 -42.51 30.55
N ALA B 28 29.35 -42.88 31.34
CA ALA B 28 29.38 -42.49 32.75
C ALA B 28 29.74 -41.02 32.88
N TYR B 29 30.57 -40.53 31.97
CA TYR B 29 31.03 -39.14 31.99
C TYR B 29 30.32 -38.29 30.95
N VAL B 30 30.21 -36.99 31.25
CA VAL B 30 29.84 -36.03 30.24
C VAL B 30 31.12 -35.33 29.81
N GLU B 31 31.29 -35.17 28.50
CA GLU B 31 32.53 -34.63 27.98
C GLU B 31 32.30 -33.32 27.24
N ALA B 32 33.39 -32.65 26.90
CA ALA B 32 33.33 -31.35 26.23
C ALA B 32 32.47 -31.36 24.97
N GLU B 33 32.69 -32.32 24.09
CA GLU B 33 31.95 -32.36 22.83
C GLU B 33 30.46 -32.67 23.04
N MET B 34 30.09 -33.15 24.23
CA MET B 34 28.67 -33.36 24.56
C MET B 34 28.01 -32.04 24.87
N LEU B 35 28.73 -31.19 25.59
CA LEU B 35 28.25 -29.83 25.82
C LEU B 35 28.13 -29.08 24.51
N LEU B 36 29.06 -29.31 23.59
CA LEU B 36 28.97 -28.69 22.27
C LEU B 36 27.69 -29.13 21.58
N LEU B 37 27.41 -30.43 21.68
CA LEU B 37 26.18 -31.00 21.12
C LEU B 37 24.96 -30.33 21.74
N ALA B 38 25.02 -30.10 23.06
CA ALA B 38 23.92 -29.46 23.78
C ALA B 38 23.67 -28.03 23.30
N LEU B 39 24.75 -27.31 23.00
CA LEU B 39 24.64 -25.92 22.54
C LEU B 39 24.03 -25.84 21.15
N LEU B 40 24.12 -26.95 20.41
CA LEU B 40 23.72 -26.95 19.01
C LEU B 40 22.37 -27.63 18.75
N ASN B 41 21.76 -28.21 19.78
CA ASN B 41 20.49 -28.91 19.62
C ASN B 41 19.29 -27.96 19.71
N ASP B 42 19.58 -26.68 19.95
CA ASP B 42 18.56 -25.64 19.93
C ASP B 42 18.10 -25.48 18.47
N SER B 43 16.89 -25.95 18.20
CA SER B 43 16.38 -26.01 16.83
C SER B 43 16.26 -24.65 16.12
N PRO B 44 15.58 -23.67 16.73
CA PRO B 44 15.34 -22.47 15.91
C PRO B 44 16.56 -21.57 15.79
N ASP B 45 17.65 -22.11 15.27
CA ASP B 45 18.92 -21.38 15.14
C ASP B 45 19.32 -20.71 16.45
N GLY B 46 19.82 -21.53 17.38
CA GLY B 46 20.33 -21.03 18.64
C GLY B 46 21.58 -20.19 18.45
N LEU B 47 22.05 -19.57 19.52
CA LEU B 47 23.16 -18.63 19.44
C LEU B 47 24.46 -19.32 18.99
N ALA B 48 24.73 -20.49 19.56
CA ALA B 48 25.92 -21.26 19.22
C ALA B 48 25.96 -21.58 17.73
N GLU B 49 24.83 -21.99 17.18
CA GLU B 49 24.74 -22.32 15.76
C GLU B 49 24.93 -21.06 14.91
N ARG B 50 24.34 -19.96 15.34
CA ARG B 50 24.51 -18.70 14.63
C ARG B 50 25.97 -18.25 14.65
N ILE B 51 26.63 -18.39 15.79
CA ILE B 51 28.04 -18.04 15.93
C ILE B 51 28.92 -18.91 15.02
N LEU B 52 28.75 -20.23 15.11
CA LEU B 52 29.54 -21.13 14.28
C LEU B 52 29.26 -20.92 12.79
N LYS B 53 28.00 -20.68 12.44
CA LYS B 53 27.68 -20.42 11.03
C LYS B 53 28.32 -19.14 10.55
N GLU B 54 28.32 -18.10 11.39
CA GLU B 54 28.94 -16.83 11.04
C GLU B 54 30.44 -17.04 10.84
N SER B 55 30.99 -18.05 11.52
CA SER B 55 32.39 -18.44 11.36
C SER B 55 32.65 -19.28 10.11
N GLY B 56 31.59 -19.74 9.46
CA GLY B 56 31.72 -20.48 8.22
C GLY B 56 31.73 -21.99 8.41
N ILE B 57 31.23 -22.44 9.55
CA ILE B 57 31.17 -23.86 9.84
C ILE B 57 29.85 -24.45 9.34
N ASP B 58 29.91 -25.67 8.80
CA ASP B 58 28.73 -26.46 8.47
C ASP B 58 28.26 -27.15 9.76
N THR B 59 27.32 -26.53 10.48
CA THR B 59 26.93 -27.04 11.80
C THR B 59 26.20 -28.37 11.71
N GLN B 60 25.51 -28.58 10.59
CA GLN B 60 24.85 -29.87 10.35
C GLN B 60 25.86 -31.01 10.29
N LEU B 61 26.95 -30.81 9.54
CA LEU B 61 28.01 -31.81 9.46
C LEU B 61 28.71 -31.97 10.81
N LEU B 62 28.92 -30.85 11.49
CA LEU B 62 29.55 -30.89 12.79
C LEU B 62 28.79 -31.82 13.74
N VAL B 63 27.48 -31.61 13.85
CA VAL B 63 26.65 -32.42 14.72
C VAL B 63 26.72 -33.90 14.34
N GLN B 64 26.70 -34.18 13.04
CA GLN B 64 26.80 -35.55 12.54
C GLN B 64 28.10 -36.24 12.96
N GLU B 65 29.22 -35.53 12.85
CA GLU B 65 30.50 -36.15 13.18
C GLU B 65 30.73 -36.23 14.69
N ILE B 66 30.13 -35.32 15.45
CA ILE B 66 30.12 -35.45 16.91
C ILE B 66 29.40 -36.73 17.29
N ASP B 67 28.20 -36.91 16.75
CA ASP B 67 27.41 -38.13 16.96
C ASP B 67 28.19 -39.41 16.64
N ASP B 68 28.82 -39.46 15.46
CA ASP B 68 29.66 -40.60 15.08
C ASP B 68 30.74 -40.87 16.12
N TYR B 69 31.41 -39.80 16.53
CA TYR B 69 32.52 -39.90 17.46
C TYR B 69 32.05 -40.32 18.85
N LEU B 70 30.96 -39.72 19.32
CA LEU B 70 30.40 -40.09 20.62
C LEU B 70 29.91 -41.53 20.66
N LYS B 71 29.44 -42.06 19.52
CA LYS B 71 29.02 -43.46 19.51
C LYS B 71 30.22 -44.39 19.60
N LYS B 72 31.28 -44.06 18.88
CA LYS B 72 32.38 -45.00 18.70
C LYS B 72 33.49 -44.95 19.77
N GLN B 73 33.68 -43.80 20.39
CA GLN B 73 34.78 -43.65 21.35
C GLN B 73 34.64 -44.58 22.54
N PRO B 74 35.78 -45.05 23.09
CA PRO B 74 35.81 -45.88 24.31
C PRO B 74 35.08 -45.18 25.46
N LYS B 75 34.20 -45.88 26.16
CA LYS B 75 33.38 -45.23 27.17
C LYS B 75 33.31 -46.06 28.44
N MET B 76 33.13 -45.39 29.57
CA MET B 76 32.73 -46.06 30.79
C MET B 76 31.20 -46.12 30.78
N PRO B 77 30.62 -47.32 30.95
CA PRO B 77 29.17 -47.49 30.84
C PRO B 77 28.38 -46.67 31.86
N SER B 78 27.18 -46.25 31.48
CA SER B 78 26.34 -45.44 32.34
C SER B 78 25.91 -46.20 33.59
N GLU B 82 21.61 -42.26 36.56
CA GLU B 82 20.82 -41.06 36.82
C GLU B 82 21.59 -39.80 36.41
N GLN B 83 22.36 -39.24 37.35
CA GLN B 83 23.19 -38.08 37.08
C GLN B 83 24.58 -38.50 36.61
N LYS B 84 25.20 -37.65 35.79
CA LYS B 84 26.48 -38.00 35.17
C LYS B 84 27.65 -37.26 35.80
N ILE B 85 28.85 -37.83 35.65
CA ILE B 85 30.07 -37.24 36.17
C ILE B 85 30.70 -36.28 35.17
N LEU B 86 31.17 -35.13 35.66
CA LEU B 86 31.85 -34.17 34.81
C LEU B 86 33.27 -34.62 34.48
N GLY B 87 33.55 -34.88 33.21
CA GLY B 87 34.89 -35.21 32.78
C GLY B 87 35.87 -34.08 33.06
N ARG B 88 37.14 -34.42 33.27
CA ARG B 88 38.17 -33.44 33.61
C ARG B 88 38.22 -32.28 32.62
N THR B 89 38.11 -32.60 31.34
CA THR B 89 38.20 -31.56 30.32
C THR B 89 36.99 -30.63 30.42
N LEU B 90 35.81 -31.19 30.71
CA LEU B 90 34.61 -30.37 30.81
C LEU B 90 34.62 -29.51 32.07
N GLN B 91 35.23 -30.03 33.14
CA GLN B 91 35.45 -29.24 34.35
C GLN B 91 36.32 -28.03 34.02
N THR B 92 37.37 -28.26 33.25
CA THR B 92 38.25 -27.18 32.80
C THR B 92 37.50 -26.19 31.88
N VAL B 93 36.59 -26.69 31.06
CA VAL B 93 35.77 -25.83 30.21
C VAL B 93 34.92 -24.86 31.04
N LEU B 94 34.31 -25.39 32.10
CA LEU B 94 33.39 -24.62 32.92
C LEU B 94 34.10 -23.55 33.75
N SER B 95 35.29 -23.87 34.26
CA SER B 95 36.02 -22.86 35.02
C SER B 95 36.57 -21.82 34.05
N THR B 96 36.95 -22.26 32.85
CA THR B 96 37.43 -21.32 31.84
C THR B 96 36.31 -20.38 31.39
N SER B 97 35.08 -20.89 31.35
CA SER B 97 33.93 -20.06 30.98
CA SER B 97 33.93 -20.07 30.99
C SER B 97 33.74 -18.91 31.96
N LYS B 98 34.04 -19.15 33.24
CA LYS B 98 33.94 -18.11 34.26
C LYS B 98 34.97 -17.02 33.98
N ARG B 99 36.20 -17.44 33.72
CA ARG B 99 37.27 -16.51 33.37
C ARG B 99 36.89 -15.63 32.19
N LEU B 100 36.36 -16.24 31.13
CA LEU B 100 35.97 -15.52 29.93
C LEU B 100 34.82 -14.54 30.20
N LYS B 101 33.90 -14.93 31.07
CA LYS B 101 32.80 -14.06 31.43
C LYS B 101 33.34 -12.83 32.15
N LYS B 102 34.27 -13.07 33.08
CA LYS B 102 34.95 -11.98 33.77
C LYS B 102 35.70 -11.10 32.79
N GLU B 103 36.32 -11.71 31.80
CA GLU B 103 37.03 -10.98 30.75
C GLU B 103 36.07 -10.12 29.92
N PHE B 104 34.94 -10.71 29.54
CA PHE B 104 33.97 -10.05 28.66
C PHE B 104 33.09 -9.03 29.38
N ASN B 105 33.33 -8.86 30.68
CA ASN B 105 32.52 -7.96 31.52
C ASN B 105 31.01 -8.22 31.41
N ASP B 106 30.62 -9.49 31.55
CA ASP B 106 29.21 -9.86 31.54
C ASP B 106 28.78 -10.28 32.94
N GLU B 107 27.47 -10.24 33.20
CA GLU B 107 26.94 -10.56 34.53
C GLU B 107 26.82 -12.07 34.77
N TYR B 108 26.30 -12.79 33.77
CA TYR B 108 26.13 -14.23 33.87
C TYR B 108 26.89 -14.98 32.78
N ILE B 109 27.21 -16.25 33.01
CA ILE B 109 27.88 -17.06 32.00
C ILE B 109 26.91 -17.44 30.88
N SER B 110 27.29 -17.20 29.64
CA SER B 110 26.40 -17.43 28.51
C SER B 110 26.91 -18.51 27.57
N ILE B 111 26.09 -18.82 26.57
CA ILE B 111 26.45 -19.74 25.50
C ILE B 111 27.75 -19.32 24.80
N GLU B 112 27.95 -18.01 24.69
CA GLU B 112 29.16 -17.45 24.10
C GLU B 112 30.42 -17.92 24.82
N HIS B 113 30.41 -17.77 26.14
CA HIS B 113 31.58 -18.12 26.96
C HIS B 113 31.84 -19.63 26.93
N LEU B 114 30.77 -20.41 26.95
CA LEU B 114 30.86 -21.86 26.91
C LEU B 114 31.43 -22.34 25.56
N LEU B 115 31.00 -21.71 24.46
CA LEU B 115 31.46 -22.12 23.14
C LEU B 115 32.96 -21.86 22.98
N LEU B 116 33.41 -20.69 23.40
CA LEU B 116 34.81 -20.33 23.27
C LEU B 116 35.68 -21.20 24.19
N SER B 117 35.15 -21.57 25.35
CA SER B 117 35.88 -22.38 26.32
C SER B 117 36.08 -23.80 25.81
N ILE B 118 35.06 -24.35 25.14
CA ILE B 118 35.19 -25.66 24.54
C ILE B 118 36.30 -25.63 23.49
N ILE B 119 36.28 -24.59 22.68
CA ILE B 119 37.20 -24.50 21.56
C ILE B 119 38.65 -24.41 22.06
N SER B 120 38.87 -23.69 23.16
CA SER B 120 40.23 -23.53 23.68
C SER B 120 40.73 -24.77 24.44
N GLU B 121 39.83 -25.50 25.10
CA GLU B 121 40.26 -26.62 25.94
C GLU B 121 40.15 -28.01 25.31
N ASP B 122 39.25 -28.20 24.35
CA ASP B 122 39.05 -29.54 23.78
C ASP B 122 40.00 -29.78 22.61
N SER B 123 41.20 -30.25 22.93
CA SER B 123 42.21 -30.51 21.91
C SER B 123 42.01 -31.85 21.22
N LYS B 124 41.18 -32.71 21.82
CA LYS B 124 40.92 -34.04 21.27
C LYS B 124 39.96 -34.03 20.08
N PHE B 125 38.98 -33.12 20.10
CA PHE B 125 38.00 -33.11 19.03
C PHE B 125 37.72 -31.72 18.47
N THR B 126 37.16 -30.83 19.29
CA THR B 126 36.56 -29.61 18.75
C THR B 126 37.59 -28.71 18.08
N ARG B 127 38.71 -28.46 18.74
CA ARG B 127 39.73 -27.58 18.18
C ARG B 127 40.32 -28.11 16.86
N PRO B 128 40.81 -29.37 16.82
CA PRO B 128 41.29 -29.85 15.51
C PRO B 128 40.21 -29.98 14.43
N TRP B 129 38.98 -30.31 14.81
CA TRP B 129 37.90 -30.40 13.84
C TRP B 129 37.67 -29.06 13.16
N LEU B 130 37.61 -27.99 13.95
CA LEU B 130 37.40 -26.65 13.43
C LEU B 130 38.57 -26.18 12.56
N LEU B 131 39.78 -26.57 12.96
CA LEU B 131 40.98 -26.20 12.22
C LEU B 131 40.99 -26.81 10.83
N LYS B 132 40.40 -27.99 10.69
CA LYS B 132 40.28 -28.68 9.41
C LYS B 132 39.55 -27.81 8.39
N TYR B 133 38.74 -26.87 8.88
CA TYR B 133 38.00 -25.97 8.00
C TYR B 133 38.50 -24.53 8.14
N ASN B 134 39.77 -24.38 8.51
CA ASN B 134 40.43 -23.08 8.67
C ASN B 134 39.75 -22.17 9.68
N VAL B 135 39.24 -22.75 10.76
CA VAL B 135 38.56 -21.95 11.79
C VAL B 135 39.22 -22.15 13.15
N ASN B 136 39.81 -21.09 13.69
CA ASN B 136 40.41 -21.14 15.02
C ASN B 136 39.63 -20.31 16.03
N TYR B 137 40.10 -20.32 17.26
CA TYR B 137 39.49 -19.61 18.38
C TYR B 137 39.28 -18.13 18.07
N GLU B 138 40.29 -17.52 17.46
CA GLU B 138 40.26 -16.10 17.12
C GLU B 138 39.12 -15.74 16.18
N LYS B 139 38.90 -16.58 15.17
CA LYS B 139 37.86 -16.31 14.18
C LYS B 139 36.47 -16.49 14.76
N VAL B 140 36.33 -17.41 15.71
CA VAL B 140 35.04 -17.62 16.37
C VAL B 140 34.75 -16.49 17.36
N LYS B 141 35.77 -16.03 18.07
CA LYS B 141 35.63 -14.87 18.95
C LYS B 141 35.16 -13.67 18.13
N LYS B 142 35.71 -13.54 16.93
CA LYS B 142 35.36 -12.45 16.03
C LYS B 142 33.90 -12.55 15.61
N ALA B 143 33.43 -13.77 15.44
CA ALA B 143 32.05 -14.01 15.07
C ALA B 143 31.11 -13.62 16.20
N VAL B 144 31.52 -13.94 17.43
CA VAL B 144 30.73 -13.61 18.60
C VAL B 144 30.47 -12.12 18.65
N GLU B 145 31.53 -11.34 18.49
CA GLU B 145 31.44 -9.88 18.54
C GLU B 145 30.55 -9.33 17.42
N LYS B 146 30.63 -9.95 16.24
CA LYS B 146 29.81 -9.53 15.10
C LYS B 146 28.33 -9.70 15.41
N ILE B 147 27.98 -10.87 15.98
CA ILE B 147 26.60 -11.19 16.29
C ILE B 147 26.03 -10.26 17.37
N ARG B 148 26.82 -10.01 18.42
CA ARG B 148 26.42 -9.07 19.47
C ARG B 148 26.16 -7.69 18.89
N GLY B 149 27.06 -7.24 18.00
CA GLY B 149 26.96 -5.94 17.39
C GLY B 149 25.70 -5.82 16.55
N GLY B 150 25.31 -6.94 15.95
CA GLY B 150 24.12 -6.98 15.12
C GLY B 150 22.91 -6.78 16.01
N SER B 151 22.91 -7.47 17.16
CA SER B 151 21.78 -7.41 18.07
C SER B 151 21.64 -6.02 18.68
N LYS B 152 22.79 -5.40 18.96
CA LYS B 152 22.84 -4.02 19.42
C LYS B 152 22.18 -3.06 18.42
N GLY B 153 22.62 -3.12 17.16
CA GLY B 153 22.12 -2.21 16.16
C GLY B 153 20.62 -2.30 15.98
N GLU B 154 20.12 -3.52 15.88
CA GLU B 154 18.69 -3.76 15.71
C GLU B 154 17.82 -3.12 16.81
N GLU B 155 18.31 -3.12 18.05
CA GLU B 155 17.56 -2.58 19.17
C GLU B 155 17.35 -1.09 19.02
N LEU B 156 18.25 -0.44 18.28
CA LEU B 156 18.11 0.97 17.95
C LEU B 156 16.86 1.22 17.13
N PHE B 157 16.33 0.17 16.50
CA PHE B 157 15.24 0.33 15.55
C PHE B 157 13.91 -0.26 16.02
N THR B 158 13.86 -0.65 17.30
CA THR B 158 12.61 -1.11 17.89
C THR B 158 11.60 0.04 17.87
N GLY B 159 10.34 -0.28 17.55
CA GLY B 159 9.31 0.74 17.50
C GLY B 159 9.56 1.75 16.39
N VAL B 160 9.17 3.00 16.62
CA VAL B 160 9.26 4.02 15.58
C VAL B 160 10.46 4.93 15.77
N VAL B 161 11.19 5.19 14.69
CA VAL B 161 12.39 6.04 14.71
C VAL B 161 12.26 7.25 13.81
N PRO B 162 12.53 8.45 14.35
CA PRO B 162 12.53 9.68 13.54
C PRO B 162 13.67 9.73 12.53
N ILE B 163 13.36 10.28 11.37
CA ILE B 163 14.28 10.36 10.24
C ILE B 163 14.42 11.79 9.74
N LEU B 164 15.64 12.15 9.35
CA LEU B 164 15.92 13.44 8.71
C LEU B 164 16.78 13.20 7.48
N VAL B 165 16.37 13.77 6.35
CA VAL B 165 17.12 13.64 5.11
C VAL B 165 17.52 15.02 4.62
N GLU B 166 18.77 15.15 4.20
CA GLU B 166 19.25 16.41 3.63
C GLU B 166 20.08 16.14 2.39
N LEU B 167 19.71 16.76 1.29
CA LEU B 167 20.41 16.55 0.03
C LEU B 167 20.75 17.89 -0.62
N ASP B 168 22.02 18.05 -0.98
CA ASP B 168 22.45 19.17 -1.83
C ASP B 168 22.77 18.61 -3.21
N GLY B 169 22.15 19.18 -4.24
CA GLY B 169 22.29 18.63 -5.57
C GLY B 169 22.84 19.61 -6.59
N ASP B 170 23.53 19.07 -7.61
CA ASP B 170 23.97 19.84 -8.76
C ASP B 170 23.85 18.98 -10.03
N VAL B 171 22.84 19.26 -10.84
CA VAL B 171 22.62 18.51 -12.07
C VAL B 171 22.74 19.41 -13.30
N ASN B 172 23.73 19.11 -14.14
CA ASN B 172 24.04 19.95 -15.29
C ASN B 172 24.18 21.42 -14.93
N GLY B 173 24.66 21.69 -13.71
CA GLY B 173 24.86 23.05 -13.27
C GLY B 173 23.68 23.64 -12.52
N HIS B 174 22.54 22.97 -12.61
CA HIS B 174 21.36 23.39 -11.87
C HIS B 174 21.46 22.91 -10.43
N LYS B 175 21.64 23.85 -9.50
CA LYS B 175 21.83 23.50 -8.11
C LYS B 175 20.51 23.56 -7.36
N PHE B 176 20.34 22.67 -6.39
CA PHE B 176 19.13 22.61 -5.59
C PHE B 176 19.38 21.91 -4.26
N SER B 177 18.44 22.05 -3.32
CA SER B 177 18.51 21.35 -2.05
C SER B 177 17.16 20.75 -1.72
N VAL B 178 17.19 19.59 -1.06
CA VAL B 178 16.00 18.90 -0.60
C VAL B 178 16.14 18.59 0.88
N ARG B 179 15.08 18.82 1.64
CA ARG B 179 15.05 18.40 3.03
C ARG B 179 13.83 17.51 3.26
N GLY B 180 14.03 16.40 3.97
CA GLY B 180 12.97 15.46 4.25
C GLY B 180 12.89 15.08 5.73
N GLU B 181 11.68 14.81 6.20
CA GLU B 181 11.44 14.44 7.58
C GLU B 181 10.34 13.41 7.66
N GLY B 182 10.44 12.50 8.62
CA GLY B 182 9.40 11.49 8.81
C GLY B 182 9.82 10.45 9.83
N GLU B 183 9.34 9.22 9.63
CA GLU B 183 9.46 8.15 10.63
C GLU B 183 9.66 6.81 9.93
N GLY B 184 10.33 5.89 10.62
CA GLY B 184 10.55 4.57 10.10
C GLY B 184 10.20 3.48 11.10
N ASP B 185 9.64 2.39 10.58
CA ASP B 185 9.29 1.22 11.37
C ASP B 185 10.01 0.02 10.75
N ALA B 186 11.23 -0.23 11.22
CA ALA B 186 12.09 -1.23 10.60
C ALA B 186 11.58 -2.63 10.86
N THR B 187 10.83 -2.81 11.94
CA THR B 187 10.28 -4.13 12.26
C THR B 187 9.33 -4.59 11.15
N ASN B 188 8.55 -3.66 10.63
CA ASN B 188 7.61 -4.01 9.57
C ASN B 188 8.05 -3.46 8.20
N GLY B 189 9.21 -2.83 8.15
CA GLY B 189 9.78 -2.36 6.90
C GLY B 189 9.08 -1.17 6.26
N LYS B 190 8.50 -0.29 7.08
CA LYS B 190 7.68 0.81 6.58
C LYS B 190 8.32 2.18 6.81
N LEU B 191 8.42 2.99 5.75
CA LEU B 191 8.88 4.38 5.85
C LEU B 191 7.75 5.33 5.46
N THR B 192 7.62 6.44 6.19
CA THR B 192 6.74 7.54 5.81
C THR B 192 7.51 8.88 5.90
N LEU B 193 7.71 9.54 4.76
CA LEU B 193 8.48 10.78 4.71
C LEU B 193 7.85 11.83 3.79
N LYS B 194 8.11 13.10 4.10
CA LYS B 194 7.75 14.21 3.22
C LYS B 194 9.01 15.01 2.90
N PHE B 195 9.24 15.24 1.61
CA PHE B 195 10.41 15.96 1.14
C PHE B 195 10.00 17.27 0.52
N ILE B 196 10.80 18.31 0.71
CA ILE B 196 10.52 19.61 0.11
C ILE B 196 11.76 20.09 -0.61
N CYS B 197 11.59 20.62 -1.81
CA CYS B 197 12.67 21.36 -2.43
C CYS B 197 12.73 22.76 -1.82
N THR B 198 13.78 23.03 -1.06
CA THR B 198 13.88 24.27 -0.30
C THR B 198 14.50 25.39 -1.12
N THR B 199 14.79 25.11 -2.38
CA THR B 199 15.43 26.09 -3.24
C THR B 199 14.51 26.52 -4.38
N GLY B 200 13.25 26.13 -4.29
CA GLY B 200 12.28 26.51 -5.31
C GLY B 200 11.80 25.29 -6.08
N LYS B 201 11.92 25.35 -7.40
CA LYS B 201 11.48 24.27 -8.27
C LYS B 201 12.56 23.19 -8.40
N LEU B 202 12.17 21.94 -8.21
CA LEU B 202 13.11 20.84 -8.42
C LEU B 202 13.39 20.71 -9.92
N PRO B 203 14.67 20.74 -10.31
CA PRO B 203 15.02 20.77 -11.73
C PRO B 203 15.10 19.38 -12.34
N VAL B 204 14.92 18.34 -11.54
CA VAL B 204 14.77 16.96 -12.03
C VAL B 204 13.47 16.36 -11.47
N PRO B 205 12.97 15.26 -12.07
CA PRO B 205 11.73 14.69 -11.53
C PRO B 205 11.96 14.04 -10.17
N TRP B 206 11.02 14.23 -9.25
CA TRP B 206 11.10 13.58 -7.93
C TRP B 206 11.43 12.09 -7.95
N PRO B 207 10.76 11.32 -8.83
CA PRO B 207 11.07 9.87 -8.81
C PRO B 207 12.55 9.54 -9.05
N THR B 208 13.29 10.36 -9.80
CA THR B 208 14.72 10.08 -10.02
C THR B 208 15.55 10.23 -8.73
N LEU B 209 14.95 10.79 -7.68
CA LEU B 209 15.69 11.02 -6.43
C LEU B 209 15.32 10.05 -5.31
N VAL B 210 14.28 9.24 -5.53
CA VAL B 210 13.78 8.35 -4.50
C VAL B 210 14.85 7.43 -3.91
N THR B 211 15.62 6.75 -4.76
CA THR B 211 16.62 5.80 -4.25
C THR B 211 17.73 6.51 -3.48
N THR B 212 18.03 7.75 -3.88
CA THR B 212 19.08 8.49 -3.21
C THR B 212 18.61 8.95 -1.82
N LEU B 213 17.37 9.41 -1.75
CA LEU B 213 16.81 9.93 -0.50
C LEU B 213 16.55 8.83 0.52
N VAL B 215 17.88 4.93 3.09
CA VAL B 215 17.98 4.55 4.50
C VAL B 215 17.58 3.08 4.67
N GLN B 216 18.40 2.21 4.09
CA GLN B 216 18.05 0.81 3.96
C GLN B 216 18.15 0.09 5.30
N CYS B 217 18.60 0.79 6.32
CA CYS B 217 18.53 0.28 7.70
C CYS B 217 17.08 0.11 8.16
N PHE B 218 16.12 0.67 7.43
CA PHE B 218 14.73 0.48 7.80
C PHE B 218 14.05 -0.66 7.03
N SER B 219 14.85 -1.40 6.25
CA SER B 219 14.34 -2.61 5.62
C SER B 219 13.91 -3.60 6.68
N ARG B 220 12.90 -4.41 6.38
CA ARG B 220 12.56 -5.49 7.28
C ARG B 220 13.45 -6.71 7.03
N TYR B 221 14.31 -7.04 7.99
CA TYR B 221 15.05 -8.29 7.94
C TYR B 221 14.37 -9.33 8.81
N PRO B 222 13.85 -10.39 8.17
CA PRO B 222 13.24 -11.49 8.92
C PRO B 222 14.19 -12.06 9.96
N ASP B 223 13.64 -12.60 11.04
CA ASP B 223 14.44 -13.17 12.14
C ASP B 223 15.62 -14.01 11.66
N HIS B 224 15.40 -14.90 10.70
CA HIS B 224 16.46 -15.82 10.26
C HIS B 224 17.53 -15.11 9.41
N MET B 225 17.26 -13.87 9.00
CA MET B 225 18.22 -13.14 8.20
C MET B 225 18.94 -12.05 8.98
N LYS B 226 18.68 -11.99 10.28
CA LYS B 226 19.21 -10.91 11.10
C LYS B 226 20.73 -10.81 11.09
N ARG B 227 21.44 -11.93 10.95
CA ARG B 227 22.90 -11.86 10.92
C ARG B 227 23.41 -11.48 9.53
N HIS B 228 22.50 -11.15 8.61
CA HIS B 228 22.88 -10.66 7.29
C HIS B 228 22.53 -9.18 7.12
N ASP B 229 22.11 -8.54 8.21
CA ASP B 229 21.63 -7.16 8.15
C ASP B 229 22.80 -6.20 8.39
N PHE B 230 23.49 -5.82 7.32
CA PHE B 230 24.65 -4.96 7.43
C PHE B 230 24.31 -3.58 7.95
N PHE B 231 23.19 -3.04 7.47
CA PHE B 231 22.81 -1.66 7.70
C PHE B 231 22.60 -1.37 9.17
N LYS B 232 21.91 -2.26 9.88
CA LYS B 232 21.68 -2.03 11.30
C LYS B 232 22.92 -2.33 12.12
N SER B 233 23.72 -3.28 11.65
CA SER B 233 24.92 -3.68 12.40
C SER B 233 25.94 -2.57 12.45
N ALA B 234 25.90 -1.68 11.46
CA ALA B 234 26.85 -0.58 11.38
C ALA B 234 26.46 0.59 12.30
N MET B 235 25.23 0.54 12.82
CA MET B 235 24.69 1.60 13.66
C MET B 235 25.17 1.45 15.10
N PRO B 236 25.23 2.55 15.87
CA PRO B 236 24.82 3.91 15.54
C PRO B 236 25.85 4.74 14.76
N GLU B 237 27.10 4.31 14.73
CA GLU B 237 28.15 5.05 14.03
C GLU B 237 27.83 5.24 12.55
N GLY B 238 27.11 4.27 11.98
CA GLY B 238 26.56 4.40 10.64
C GLY B 238 27.43 3.95 9.49
N TYR B 239 27.11 4.43 8.29
CA TYR B 239 27.85 4.03 7.10
C TYR B 239 27.82 5.09 6.02
N VAL B 240 28.83 5.03 5.16
CA VAL B 240 28.87 5.84 3.96
C VAL B 240 28.17 5.08 2.84
N GLN B 241 27.28 5.74 2.12
CA GLN B 241 26.64 5.11 0.96
C GLN B 241 26.93 5.92 -0.29
N GLU B 242 27.57 5.28 -1.26
CA GLU B 242 27.91 5.91 -2.54
C GLU B 242 27.26 5.17 -3.70
N ARG B 243 26.81 5.91 -4.70
CA ARG B 243 26.21 5.32 -5.88
C ARG B 243 26.70 5.97 -7.16
N THR B 244 26.74 5.19 -8.22
CA THR B 244 26.67 5.73 -9.58
C THR B 244 25.35 5.29 -10.17
N ILE B 245 24.55 6.26 -10.62
CA ILE B 245 23.27 5.95 -11.26
C ILE B 245 23.32 6.39 -12.72
N SER B 246 23.33 5.42 -13.61
CA SER B 246 23.48 5.71 -15.03
C SER B 246 22.14 5.61 -15.72
N PHE B 247 21.61 6.75 -16.18
CA PHE B 247 20.33 6.77 -16.89
C PHE B 247 20.58 6.39 -18.35
N LYS B 248 19.97 5.29 -18.79
CA LYS B 248 20.13 4.80 -20.16
C LYS B 248 19.86 5.91 -21.21
N ASP B 249 20.78 6.05 -22.16
CA ASP B 249 20.69 7.08 -23.22
C ASP B 249 20.61 8.51 -22.68
N ASP B 250 21.16 8.74 -21.49
CA ASP B 250 21.12 10.06 -20.88
C ASP B 250 22.25 10.24 -19.85
N GLY B 251 22.04 11.09 -18.86
CA GLY B 251 23.11 11.45 -17.94
C GLY B 251 23.31 10.49 -16.80
N THR B 252 24.17 10.89 -15.87
CA THR B 252 24.55 10.05 -14.75
C THR B 252 24.50 10.82 -13.43
N TYR B 253 23.92 10.23 -12.38
CA TYR B 253 24.08 10.79 -11.02
C TYR B 253 25.25 10.13 -10.32
N LYS B 254 26.05 10.91 -9.61
CA LYS B 254 26.94 10.30 -8.62
C LYS B 254 26.62 10.85 -7.23
N THR B 255 26.43 9.96 -6.25
CA THR B 255 26.04 10.37 -4.91
C THR B 255 26.94 9.82 -3.81
N ARG B 256 27.12 10.62 -2.77
CA ARG B 256 27.80 10.18 -1.56
C ARG B 256 26.96 10.64 -0.39
N ALA B 257 26.62 9.70 0.49
CA ALA B 257 25.81 10.01 1.65
C ALA B 257 26.41 9.40 2.91
N GLU B 258 26.11 10.01 4.05
CA GLU B 258 26.41 9.40 5.35
C GLU B 258 25.10 9.10 6.05
N VAL B 259 24.95 7.86 6.49
CA VAL B 259 23.73 7.44 7.17
C VAL B 259 24.06 7.05 8.60
N LYS B 260 23.58 7.81 9.56
CA LYS B 260 23.98 7.58 10.94
C LYS B 260 23.01 8.21 11.93
N PHE B 261 23.09 7.79 13.19
CA PHE B 261 22.27 8.44 14.19
C PHE B 261 22.91 9.74 14.60
N GLU B 262 22.12 10.81 14.57
CA GLU B 262 22.52 12.06 15.19
C GLU B 262 21.54 12.34 16.31
N GLY B 263 21.89 11.89 17.51
CA GLY B 263 20.99 11.99 18.64
C GLY B 263 19.95 10.89 18.55
N ASP B 264 18.68 11.29 18.68
CA ASP B 264 17.56 10.35 18.61
C ASP B 264 17.14 10.10 17.17
N THR B 265 17.79 10.78 16.23
CA THR B 265 17.35 10.77 14.83
C THR B 265 18.31 10.04 13.92
N LEU B 266 17.74 9.25 13.01
CA LEU B 266 18.49 8.64 11.92
C LEU B 266 18.59 9.66 10.79
N VAL B 267 19.82 10.08 10.47
CA VAL B 267 20.03 11.14 9.49
C VAL B 267 20.72 10.61 8.24
N ASN B 268 20.16 10.97 7.08
CA ASN B 268 20.78 10.69 5.79
C ASN B 268 21.18 12.00 5.11
N ARG B 269 22.47 12.29 5.10
CA ARG B 269 22.98 13.53 4.50
C ARG B 269 23.68 13.22 3.17
N ILE B 270 23.23 13.84 2.09
CA ILE B 270 23.64 13.44 0.75
C ILE B 270 24.22 14.59 -0.08
N GLU B 271 25.30 14.32 -0.82
CA GLU B 271 25.72 15.19 -1.91
C GLU B 271 25.52 14.47 -3.25
N LEU B 272 24.86 15.15 -4.19
CA LEU B 272 24.56 14.57 -5.49
C LEU B 272 25.14 15.42 -6.61
N LYS B 273 25.83 14.76 -7.54
CA LYS B 273 26.34 15.45 -8.72
C LYS B 273 25.84 14.75 -9.99
N GLY B 274 25.18 15.51 -10.86
CA GLY B 274 24.67 14.95 -12.10
C GLY B 274 25.29 15.63 -13.31
N ILE B 275 25.70 14.84 -14.30
CA ILE B 275 26.32 15.40 -15.51
C ILE B 275 25.86 14.67 -16.77
N ASP B 276 26.02 15.35 -17.91
CA ASP B 276 25.79 14.78 -19.24
C ASP B 276 24.33 14.50 -19.55
N PHE B 277 23.41 15.20 -18.88
CA PHE B 277 21.99 15.04 -19.18
C PHE B 277 21.55 15.86 -20.38
N LYS B 278 20.63 15.30 -21.16
CA LYS B 278 20.02 15.99 -22.27
C LYS B 278 18.99 16.98 -21.75
N GLU B 279 19.05 18.22 -22.21
CA GLU B 279 18.15 19.25 -21.69
C GLU B 279 16.67 18.97 -21.99
N ASP B 280 16.37 18.35 -23.13
CA ASP B 280 14.98 17.90 -23.36
C ASP B 280 14.86 16.38 -23.31
N GLY B 281 15.73 15.73 -22.53
CA GLY B 281 15.60 14.30 -22.28
C GLY B 281 14.47 14.02 -21.29
N ASN B 282 14.35 12.78 -20.84
CA ASN B 282 13.31 12.38 -19.90
C ASN B 282 13.48 12.99 -18.51
N ILE B 283 14.72 13.26 -18.13
CA ILE B 283 14.98 13.78 -16.80
C ILE B 283 14.84 15.31 -16.78
N LEU B 284 15.68 16.03 -17.53
CA LEU B 284 15.59 17.49 -17.52
C LEU B 284 14.35 18.01 -18.23
N GLY B 285 13.72 17.18 -19.06
CA GLY B 285 12.50 17.58 -19.75
C GLY B 285 11.25 17.25 -18.95
N HIS B 286 11.46 16.67 -17.77
CA HIS B 286 10.36 16.24 -16.88
C HIS B 286 9.32 15.40 -17.61
N LYS B 287 9.73 14.26 -18.17
CA LYS B 287 8.80 13.41 -18.92
C LYS B 287 8.49 12.12 -18.17
N LEU B 288 8.86 12.06 -16.89
CA LEU B 288 8.59 10.87 -16.07
C LEU B 288 7.27 10.97 -15.30
N GLU B 289 6.50 9.88 -15.28
CA GLU B 289 5.28 9.81 -14.47
C GLU B 289 5.61 9.97 -12.99
N TYR B 290 4.68 10.52 -12.24
CA TYR B 290 4.85 10.71 -10.81
C TYR B 290 4.41 9.45 -10.08
N ASN B 291 5.26 8.44 -10.16
CA ASN B 291 5.02 7.17 -9.51
C ASN B 291 6.34 6.42 -9.41
N PHE B 292 6.31 5.21 -8.87
CA PHE B 292 7.53 4.46 -8.67
C PHE B 292 7.19 2.97 -8.67
N ASN B 293 7.85 2.18 -9.52
CA ASN B 293 7.53 0.76 -9.64
C ASN B 293 8.20 -0.06 -8.54
N SER B 294 7.99 -1.38 -8.57
CA SER B 294 8.52 -2.23 -7.51
C SER B 294 9.78 -2.95 -7.96
N HIS B 295 10.80 -2.95 -7.11
CA HIS B 295 12.13 -3.42 -7.54
C HIS B 295 12.76 -4.46 -6.59
N ASN B 296 13.87 -5.03 -7.04
CA ASN B 296 14.71 -5.89 -6.20
C ASN B 296 16.13 -5.30 -6.08
N VAL B 297 16.62 -5.18 -4.87
CA VAL B 297 17.97 -4.63 -4.64
C VAL B 297 18.92 -5.77 -4.31
N TYR B 298 19.92 -6.03 -5.17
CA TYR B 298 20.76 -7.22 -4.98
C TYR B 298 22.03 -6.89 -4.20
N ILE B 299 22.09 -7.42 -2.99
CA ILE B 299 23.09 -7.03 -2.00
C ILE B 299 24.10 -8.15 -1.74
N THR B 300 25.37 -7.80 -1.85
CA THR B 300 26.47 -8.74 -1.61
C THR B 300 27.51 -8.14 -0.67
N ALA B 301 28.21 -8.99 0.09
CA ALA B 301 29.35 -8.54 0.86
C ALA B 301 30.49 -8.12 -0.05
N ASP B 302 31.17 -7.04 0.30
CA ASP B 302 32.42 -6.67 -0.36
C ASP B 302 33.53 -6.82 0.67
N LYS B 303 34.10 -8.02 0.71
CA LYS B 303 35.02 -8.41 1.76
C LYS B 303 36.18 -7.44 1.94
N GLN B 304 36.84 -7.08 0.84
CA GLN B 304 38.02 -6.23 0.89
C GLN B 304 37.78 -4.87 1.54
N LYS B 305 36.56 -4.34 1.42
CA LYS B 305 36.25 -3.01 1.94
C LYS B 305 35.44 -3.06 3.23
N ASN B 306 35.34 -4.25 3.82
CA ASN B 306 34.52 -4.48 5.02
C ASN B 306 33.13 -3.89 4.90
N GLY B 307 32.54 -3.97 3.72
CA GLY B 307 31.22 -3.40 3.52
C GLY B 307 30.39 -4.26 2.60
N ILE B 308 29.48 -3.61 1.87
CA ILE B 308 28.60 -4.30 0.94
C ILE B 308 28.62 -3.61 -0.41
N LYS B 309 28.14 -4.31 -1.43
CA LYS B 309 27.85 -3.73 -2.74
C LYS B 309 26.39 -4.05 -3.06
N ALA B 310 25.76 -3.22 -3.87
CA ALA B 310 24.46 -3.56 -4.39
C ALA B 310 24.36 -3.17 -5.85
N ASN B 311 23.54 -3.91 -6.58
CA ASN B 311 23.32 -3.69 -8.01
C ASN B 311 21.86 -3.88 -8.30
N PHE B 312 21.29 -2.99 -9.10
CA PHE B 312 19.90 -3.14 -9.49
C PHE B 312 19.53 -2.11 -10.54
N LYS B 313 18.45 -2.41 -11.27
CA LYS B 313 17.94 -1.45 -12.24
C LYS B 313 16.63 -0.88 -11.74
N ILE B 314 16.50 0.42 -11.85
CA ILE B 314 15.22 1.08 -11.62
C ILE B 314 14.55 1.33 -12.96
N ARG B 315 13.25 1.05 -13.05
CA ARG B 315 12.46 1.29 -14.27
C ARG B 315 11.49 2.42 -14.03
N HIS B 316 11.75 3.57 -14.64
CA HIS B 316 10.90 4.74 -14.50
C HIS B 316 9.89 4.79 -15.66
N ASN B 317 8.59 4.84 -15.36
CA ASN B 317 7.57 5.03 -16.42
C ASN B 317 7.74 6.39 -17.07
N VAL B 318 7.81 6.41 -18.40
CA VAL B 318 7.86 7.67 -19.16
C VAL B 318 6.44 7.99 -19.62
N GLU B 319 6.11 9.26 -19.77
CA GLU B 319 4.74 9.63 -20.10
C GLU B 319 4.27 9.18 -21.48
N ASP B 320 5.18 8.82 -22.37
CA ASP B 320 4.74 8.27 -23.66
C ASP B 320 4.57 6.75 -23.65
N GLY B 321 4.66 6.15 -22.47
CA GLY B 321 4.51 4.71 -22.37
C GLY B 321 5.82 3.92 -22.46
N SER B 322 6.93 4.58 -22.75
CA SER B 322 8.21 3.89 -22.73
C SER B 322 8.71 3.78 -21.29
N VAL B 323 9.87 3.16 -21.12
CA VAL B 323 10.47 3.02 -19.79
C VAL B 323 11.86 3.60 -19.79
N GLN B 324 12.19 4.37 -18.77
CA GLN B 324 13.52 4.93 -18.64
C GLN B 324 14.31 4.12 -17.60
N LEU B 325 15.29 3.35 -18.06
CA LEU B 325 16.12 2.56 -17.16
C LEU B 325 17.14 3.43 -16.43
N ALA B 326 17.32 3.17 -15.12
CA ALA B 326 18.38 3.80 -14.33
C ALA B 326 19.23 2.74 -13.62
N ASP B 327 20.41 2.51 -14.16
CA ASP B 327 21.30 1.49 -13.61
C ASP B 327 21.94 1.92 -12.30
N HIS B 328 21.66 1.20 -11.22
CA HIS B 328 22.28 1.55 -9.94
C HIS B 328 23.47 0.64 -9.59
N TYR B 329 24.61 1.27 -9.33
CA TYR B 329 25.75 0.60 -8.72
C TYR B 329 26.05 1.26 -7.38
N GLN B 330 26.14 0.46 -6.32
CA GLN B 330 26.13 0.97 -4.96
C GLN B 330 27.22 0.34 -4.11
N GLN B 331 27.88 1.12 -3.27
CA GLN B 331 28.80 0.57 -2.28
C GLN B 331 28.66 1.27 -0.93
N ASN B 332 28.66 0.47 0.15
CA ASN B 332 28.57 1.01 1.51
C ASN B 332 29.73 0.52 2.36
N THR B 333 30.27 1.42 3.18
CA THR B 333 31.34 1.11 4.11
C THR B 333 30.99 1.70 5.47
N PRO B 334 31.25 0.94 6.56
CA PRO B 334 30.94 1.41 7.91
C PRO B 334 31.74 2.65 8.29
N ILE B 335 31.13 3.55 9.06
CA ILE B 335 31.83 4.72 9.54
C ILE B 335 32.66 4.32 10.75
N GLY B 336 32.13 3.42 11.56
CA GLY B 336 32.84 2.90 12.71
C GLY B 336 34.00 2.00 12.33
N ASP B 337 34.85 1.71 13.31
CA ASP B 337 35.92 0.75 13.11
C ASP B 337 35.51 -0.57 13.76
N GLY B 338 34.32 -0.58 14.33
CA GLY B 338 33.82 -1.74 15.04
C GLY B 338 33.40 -2.85 14.10
N PRO B 339 33.16 -4.05 14.64
CA PRO B 339 32.70 -5.18 13.82
C PRO B 339 31.35 -4.92 13.14
N VAL B 340 31.22 -5.42 11.92
CA VAL B 340 29.97 -5.38 11.22
C VAL B 340 29.65 -6.75 10.63
N LEU B 341 28.37 -7.01 10.39
CA LEU B 341 27.96 -8.24 9.75
C LEU B 341 28.06 -8.09 8.24
N LEU B 342 28.79 -8.99 7.59
CA LEU B 342 28.84 -9.02 6.13
C LEU B 342 27.92 -10.11 5.62
N PRO B 343 26.88 -9.72 4.85
CA PRO B 343 25.81 -10.62 4.41
C PRO B 343 26.22 -11.62 3.34
N ASP B 344 25.54 -12.76 3.33
CA ASP B 344 25.56 -13.64 2.17
C ASP B 344 24.70 -13.01 1.07
N ASN B 345 24.77 -13.57 -0.14
CA ASN B 345 24.01 -13.02 -1.27
C ASN B 345 22.53 -12.99 -0.95
N HIS B 346 21.87 -11.85 -1.16
CA HIS B 346 20.42 -11.81 -0.97
C HIS B 346 19.81 -10.59 -1.67
N TYR B 347 18.55 -10.31 -1.38
CA TYR B 347 17.95 -9.12 -2.02
C TYR B 347 16.91 -8.45 -1.12
N LEU B 348 16.56 -7.21 -1.48
CA LEU B 348 15.45 -6.50 -0.86
C LEU B 348 14.36 -6.30 -1.91
N SER B 349 13.12 -6.62 -1.55
CA SER B 349 11.98 -6.35 -2.41
C SER B 349 11.30 -5.06 -1.98
N THR B 350 11.17 -4.09 -2.89
CA THR B 350 10.69 -2.77 -2.52
C THR B 350 9.36 -2.42 -3.18
N GLN B 351 8.53 -1.65 -2.48
CA GLN B 351 7.29 -1.11 -3.04
C GLN B 351 7.12 0.29 -2.51
N SER B 352 6.79 1.25 -3.38
CA SER B 352 6.72 2.66 -2.99
C SER B 352 5.47 3.35 -3.55
N VAL B 353 4.99 4.37 -2.85
CA VAL B 353 3.83 5.14 -3.32
C VAL B 353 4.18 6.62 -3.22
N LEU B 354 4.04 7.37 -4.33
CA LEU B 354 4.33 8.80 -4.31
C LEU B 354 3.04 9.62 -4.32
N SER B 355 2.99 10.66 -3.50
CA SER B 355 1.78 11.46 -3.42
C SER B 355 2.07 12.93 -3.11
N LYS B 356 1.01 13.71 -3.03
CA LYS B 356 1.15 15.13 -2.70
C LYS B 356 0.37 15.47 -1.44
N ASP B 357 0.88 16.49 -0.74
CA ASP B 357 0.23 17.12 0.39
C ASP B 357 -0.60 18.27 -0.15
N PRO B 358 -1.93 18.12 -0.12
CA PRO B 358 -2.84 19.10 -0.73
C PRO B 358 -2.75 20.49 -0.13
N ASN B 359 -2.08 20.63 1.00
CA ASN B 359 -1.91 21.93 1.65
C ASN B 359 -0.48 22.46 1.54
N GLU B 360 0.36 21.73 0.82
CA GLU B 360 1.76 22.14 0.66
C GLU B 360 1.96 22.94 -0.63
N LYS B 361 2.46 24.15 -0.50
CA LYS B 361 2.59 25.04 -1.64
C LYS B 361 3.91 24.84 -2.37
N ARG B 362 4.94 24.44 -1.63
CA ARG B 362 6.26 24.22 -2.21
C ARG B 362 6.34 22.95 -3.05
N ASP B 363 7.36 22.87 -3.89
CA ASP B 363 7.62 21.66 -4.67
C ASP B 363 8.01 20.57 -3.66
N HIS B 364 7.32 19.43 -3.69
CA HIS B 364 7.47 18.46 -2.61
C HIS B 364 7.11 17.05 -3.05
N MET B 365 7.39 16.08 -2.18
CA MET B 365 7.02 14.70 -2.45
C MET B 365 6.71 14.03 -1.13
N VAL B 366 5.52 13.44 -1.04
CA VAL B 366 5.20 12.57 0.08
C VAL B 366 5.46 11.14 -0.38
N LEU B 367 6.19 10.38 0.44
CA LEU B 367 6.65 9.05 0.06
C LEU B 367 6.23 8.00 1.08
N LEU B 368 5.63 6.91 0.58
CA LEU B 368 5.37 5.75 1.41
C LEU B 368 6.11 4.59 0.81
N GLU B 369 6.88 3.87 1.63
CA GLU B 369 7.76 2.83 1.12
C GLU B 369 7.72 1.59 2.01
N PHE B 370 7.72 0.41 1.40
CA PHE B 370 7.71 -0.84 2.14
C PHE B 370 8.82 -1.73 1.61
N VAL B 371 9.70 -2.19 2.48
CA VAL B 371 10.87 -2.96 2.02
C VAL B 371 11.10 -4.20 2.89
N THR B 372 11.23 -5.37 2.26
CA THR B 372 11.53 -6.61 2.99
C THR B 372 12.69 -7.37 2.38
N ALA B 373 13.64 -7.78 3.21
CA ALA B 373 14.76 -8.63 2.79
C ALA B 373 14.33 -10.08 2.57
N ALA B 374 14.98 -10.75 1.63
CA ALA B 374 14.63 -12.13 1.31
C ALA B 374 15.75 -12.85 0.58
N GLY B 375 15.57 -14.13 0.30
CA GLY B 375 16.51 -14.90 -0.51
C GLY B 375 17.52 -15.70 0.29
N ILE B 376 17.30 -15.80 1.60
CA ILE B 376 18.13 -16.64 2.43
C ILE B 376 17.23 -17.50 3.30
N THR B 377 17.41 -18.81 3.22
CA THR B 377 16.65 -19.75 4.05
C THR B 377 17.50 -20.27 5.19
#